data_2G39
#
_entry.id   2G39
#
_cell.length_a   171.356
_cell.length_b   69.806
_cell.length_c   113.244
_cell.angle_alpha   90.00
_cell.angle_beta   90.00
_cell.angle_gamma   90.00
#
_symmetry.space_group_name_H-M   'P 21 21 2'
#
loop_
_entity.id
_entity.type
_entity.pdbx_description
1 polymer 'Acetyl-CoA hydrolase'
2 non-polymer 1,2-ETHANEDIOL
3 non-polymer 'ACETIC ACID'
4 water water
#
_entity_poly.entity_id   1
_entity_poly.type   'polypeptide(L)'
_entity_poly.pdbx_seq_one_letter_code
;(MSE)YRDRVRLPSLLDKV(MSE)SAAEAADLIQDG(MSE)TVG(MSE)SGFTRAGEAKAVPQALA(MSE)RAKERPLRI
SL(MSE)TGASLGNDLDKQLTEAGVLARR(MSE)PFQVDSTLRKAINAGEV(MSE)FIDQHLSETVEQLRNHQLKLPDIA
VIEAAAITEQGHIVPTTSVGNSASFAIFAKQVIVEINLAHSTNLEGLHDIYIPTYRPTRTPIPLTRVDDRIGSTAIPIPP
EKIVAIVINDQPDSPSTVLPPDGETQAIANHLIDFFKREVDAGR(MSE)SNSLGPLQAGIGSIANAV(MSE)CGLIESPF
ENLT(MSE)YSEVLQDSTFDLIDAGKLRFASGSSITLSPRRNADVFGNLERYKDKLVLRPQEISNHPEVVRRLGIIGINT
ALEFDIYGNVNSTHVGGTK(MSE)(MSE)NGIGGSGDFARNAHLAIFVTKSIAKGGNISSVVP(MSE)VSHVDHTEHDVD
ILVTEQGLADLRGLAPRERARVIIENCVHPSYQAPLLDYFEAACAKGGHTPHLLREALAWHLNLEERGH(MSE)LAG
;
_entity_poly.pdbx_strand_id   A,B
#
# COMPACT_ATOMS: atom_id res chain seq x y z
N ARG A 3 34.90 -21.13 20.40
CA ARG A 3 34.32 -21.94 21.55
C ARG A 3 33.22 -21.23 22.37
N ASP A 4 33.40 -19.93 22.59
CA ASP A 4 32.27 -19.11 23.01
C ASP A 4 31.44 -18.76 21.75
N ARG A 5 32.05 -18.78 20.56
CA ARG A 5 31.37 -18.34 19.32
C ARG A 5 30.74 -19.48 18.53
N VAL A 6 31.42 -20.63 18.44
CA VAL A 6 30.93 -21.78 17.69
C VAL A 6 30.62 -22.90 18.66
N ARG A 7 29.37 -22.94 19.12
CA ARG A 7 29.04 -23.78 20.28
C ARG A 7 28.63 -25.18 19.91
N LEU A 8 28.66 -25.46 18.61
CA LEU A 8 28.51 -26.80 18.07
C LEU A 8 29.89 -27.19 17.52
N PRO A 9 30.66 -27.97 18.30
CA PRO A 9 32.07 -28.17 18.02
C PRO A 9 32.36 -28.80 16.66
N SER A 10 31.49 -29.68 16.18
CA SER A 10 31.71 -30.32 14.89
C SER A 10 31.75 -29.32 13.73
N LEU A 11 31.12 -28.16 13.89
CA LEU A 11 31.13 -27.12 12.84
C LEU A 11 32.53 -26.49 12.63
N LEU A 12 33.43 -26.65 13.61
CA LEU A 12 34.80 -26.11 13.50
C LEU A 12 35.55 -26.63 12.27
N ASP A 13 35.20 -27.80 11.74
CA ASP A 13 35.79 -28.26 10.47
C ASP A 13 35.42 -27.38 9.23
N LYS A 14 34.41 -26.51 9.38
CA LYS A 14 33.97 -25.64 8.30
C LYS A 14 34.60 -24.25 8.41
N VAL A 15 35.41 -24.06 9.44
CA VAL A 15 36.13 -22.79 9.56
C VAL A 15 37.17 -22.70 8.44
N SER A 17 39.19 -19.61 5.38
CA SER A 17 39.43 -18.21 5.02
C SER A 17 38.26 -17.60 4.25
N ALA A 18 38.13 -16.28 4.35
CA ALA A 18 37.19 -15.50 3.53
C ALA A 18 37.38 -15.81 2.04
N ALA A 19 38.64 -15.89 1.60
CA ALA A 19 38.95 -16.20 0.21
C ALA A 19 38.45 -17.59 -0.18
N GLU A 20 38.70 -18.62 0.64
CA GLU A 20 38.20 -19.94 0.33
C GLU A 20 36.65 -19.96 0.28
N ALA A 21 36.01 -19.29 1.23
CA ALA A 21 34.55 -19.19 1.28
C ALA A 21 34.01 -18.49 0.04
N ALA A 22 34.65 -17.39 -0.38
CA ALA A 22 34.15 -16.63 -1.55
C ALA A 22 34.24 -17.42 -2.86
N ASP A 23 35.21 -18.33 -2.93
CA ASP A 23 35.36 -19.21 -4.09
C ASP A 23 34.18 -20.15 -4.26
N LEU A 24 33.30 -20.22 -3.27
CA LEU A 24 32.06 -21.00 -3.35
C LEU A 24 30.98 -20.26 -4.15
N ILE A 25 31.23 -18.98 -4.41
CA ILE A 25 30.35 -18.14 -5.18
C ILE A 25 30.95 -18.05 -6.56
N GLN A 26 30.15 -18.44 -7.55
CA GLN A 26 30.55 -18.50 -8.95
C GLN A 26 29.50 -17.81 -9.86
N ASP A 27 29.87 -17.62 -11.11
CA ASP A 27 29.08 -16.86 -12.08
C ASP A 27 27.63 -17.38 -12.17
N GLY A 28 26.67 -16.46 -12.16
CA GLY A 28 25.27 -16.82 -12.41
C GLY A 28 24.49 -17.11 -11.15
N THR A 30 22.67 -16.54 -7.40
CA THR A 30 21.98 -15.53 -6.60
C THR A 30 22.48 -15.67 -5.18
N VAL A 31 22.93 -14.55 -4.60
CA VAL A 31 23.45 -14.54 -3.23
C VAL A 31 22.49 -13.74 -2.31
N GLY A 32 22.12 -14.29 -1.15
CA GLY A 32 21.38 -13.55 -0.11
C GLY A 32 22.32 -13.21 1.04
N SER A 34 23.38 -10.89 4.74
CA SER A 34 22.98 -10.03 5.88
C SER A 34 23.44 -8.59 5.61
N GLY A 35 22.76 -7.62 6.22
CA GLY A 35 23.18 -6.23 6.12
C GLY A 35 21.97 -5.34 5.92
N PHE A 36 21.81 -4.37 6.81
CA PHE A 36 20.67 -3.47 6.76
C PHE A 36 21.09 -2.12 7.27
N THR A 37 21.12 -1.12 6.39
CA THR A 37 21.54 0.26 6.69
C THR A 37 22.80 0.29 7.52
N ARG A 38 23.85 -0.40 7.01
CA ARG A 38 25.21 -0.50 7.60
C ARG A 38 25.39 -1.50 8.72
N ALA A 39 24.28 -2.00 9.25
CA ALA A 39 24.30 -2.87 10.43
C ALA A 39 24.19 -4.34 10.08
N GLY A 40 25.09 -5.14 10.66
CA GLY A 40 24.97 -6.58 10.65
C GLY A 40 25.31 -7.26 9.35
N GLU A 41 26.01 -6.57 8.45
CA GLU A 41 26.33 -7.08 7.10
C GLU A 41 27.53 -8.03 7.14
N ALA A 42 27.56 -9.04 6.26
CA ALA A 42 28.79 -9.80 6.02
C ALA A 42 29.76 -8.80 5.40
N LYS A 43 31.06 -9.00 5.65
CA LYS A 43 32.08 -8.05 5.21
C LYS A 43 33.29 -8.70 4.50
N ALA A 44 33.88 -9.69 5.16
CA ALA A 44 35.10 -10.33 4.68
C ALA A 44 34.83 -11.13 3.42
N VAL A 45 33.72 -11.88 3.40
CA VAL A 45 33.36 -12.65 2.20
C VAL A 45 33.11 -11.78 0.93
N PRO A 46 32.20 -10.77 1.00
CA PRO A 46 32.06 -9.87 -0.15
C PRO A 46 33.33 -9.07 -0.52
N GLN A 47 34.11 -8.61 0.46
CA GLN A 47 35.42 -7.99 0.15
C GLN A 47 36.28 -8.95 -0.67
N ALA A 48 36.35 -10.20 -0.21
CA ALA A 48 37.14 -11.22 -0.89
C ALA A 48 36.58 -11.47 -2.28
N LEU A 49 35.25 -11.50 -2.37
CA LEU A 49 34.56 -11.71 -3.65
C LEU A 49 34.92 -10.66 -4.72
N ALA A 50 34.89 -9.39 -4.30
CA ALA A 50 35.21 -8.24 -5.13
C ALA A 50 36.68 -8.26 -5.58
N ARG A 52 38.60 -10.94 -5.81
CA ARG A 52 38.70 -12.07 -6.72
C ARG A 52 38.23 -11.73 -8.14
N ALA A 53 37.16 -10.92 -8.23
CA ALA A 53 36.51 -10.62 -9.52
C ALA A 53 37.36 -9.76 -10.42
N LYS A 54 38.31 -9.03 -9.83
CA LYS A 54 39.31 -8.28 -10.59
C LYS A 54 40.37 -9.17 -11.28
N GLU A 55 40.58 -10.37 -10.73
CA GLU A 55 41.47 -11.38 -11.29
C GLU A 55 40.76 -12.13 -12.40
N ARG A 56 39.59 -12.68 -12.09
CA ARG A 56 38.72 -13.35 -13.05
C ARG A 56 37.26 -13.00 -12.76
N PRO A 57 36.57 -12.46 -13.76
CA PRO A 57 35.30 -11.80 -13.49
C PRO A 57 34.14 -12.79 -13.37
N LEU A 58 33.06 -12.34 -12.75
CA LEU A 58 31.81 -13.08 -12.77
C LEU A 58 30.66 -12.11 -12.52
N ARG A 59 29.44 -12.61 -12.59
CA ARG A 59 28.26 -11.79 -12.29
C ARG A 59 27.33 -12.55 -11.37
N ILE A 60 26.81 -11.85 -10.37
CA ILE A 60 25.80 -12.45 -9.49
C ILE A 60 24.53 -11.59 -9.41
N SER A 61 23.49 -12.18 -8.84
CA SER A 61 22.36 -11.41 -8.37
C SER A 61 22.44 -11.34 -6.85
N LEU A 62 22.47 -10.10 -6.34
CA LEU A 62 22.67 -9.88 -4.90
C LEU A 62 21.43 -9.29 -4.22
N THR A 64 19.96 -8.25 -0.27
CA THR A 64 20.35 -7.97 1.11
C THR A 64 19.09 -7.73 1.95
N GLY A 65 19.28 -7.31 3.20
CA GLY A 65 18.21 -6.69 3.98
C GLY A 65 17.91 -5.32 3.43
N ALA A 66 18.89 -4.42 3.51
CA ALA A 66 18.82 -3.13 2.83
C ALA A 66 20.23 -2.69 2.41
N SER A 67 20.61 -1.45 2.72
CA SER A 67 21.87 -0.91 2.23
C SER A 67 23.04 -1.47 3.04
N LEU A 68 24.22 -1.41 2.43
CA LEU A 68 25.46 -1.91 2.99
C LEU A 68 26.38 -0.73 3.29
N GLY A 69 27.26 -0.91 4.28
CA GLY A 69 28.31 0.07 4.55
C GLY A 69 29.62 -0.52 4.06
N ASN A 70 30.73 -0.03 4.63
CA ASN A 70 32.07 -0.52 4.34
C ASN A 70 32.46 -0.45 2.87
N ASP A 71 31.78 0.42 2.12
CA ASP A 71 31.98 0.55 0.67
C ASP A 71 31.83 -0.78 -0.06
N LEU A 72 31.01 -1.67 0.48
CA LEU A 72 30.88 -3.00 -0.13
C LEU A 72 30.23 -2.98 -1.51
N ASP A 73 29.10 -2.26 -1.65
CA ASP A 73 28.46 -2.08 -2.97
C ASP A 73 29.40 -1.41 -3.96
N LYS A 74 30.11 -0.38 -3.51
CA LYS A 74 31.16 0.22 -4.33
C LYS A 74 32.17 -0.84 -4.84
N GLN A 75 32.70 -1.66 -3.93
CA GLN A 75 33.76 -2.62 -4.32
C GLN A 75 33.21 -3.67 -5.30
N LEU A 76 32.01 -4.15 -4.99
CA LEU A 76 31.33 -5.12 -5.86
C LEU A 76 31.05 -4.54 -7.25
N THR A 77 30.54 -3.31 -7.26
CA THR A 77 30.22 -2.60 -8.49
C THR A 77 31.45 -2.37 -9.34
N GLU A 78 32.51 -1.80 -8.74
CA GLU A 78 33.79 -1.56 -9.44
C GLU A 78 34.46 -2.82 -9.98
N ALA A 79 34.29 -3.92 -9.27
CA ALA A 79 34.81 -5.22 -9.77
C ALA A 79 33.88 -5.88 -10.76
N GLY A 80 32.75 -5.23 -11.08
CA GLY A 80 31.82 -5.76 -12.11
C GLY A 80 31.02 -6.97 -11.67
N VAL A 81 30.89 -7.16 -10.36
CA VAL A 81 30.28 -8.36 -9.78
C VAL A 81 28.75 -8.33 -9.92
N LEU A 82 28.15 -7.14 -9.89
CA LEU A 82 26.69 -7.08 -9.78
C LEU A 82 26.01 -6.99 -11.15
N ALA A 83 25.25 -8.04 -11.48
CA ALA A 83 24.31 -8.00 -12.58
C ALA A 83 22.99 -7.41 -12.12
N ARG A 84 22.63 -7.70 -10.88
CA ARG A 84 21.29 -7.45 -10.36
C ARG A 84 21.43 -7.19 -8.88
N ARG A 85 20.69 -6.19 -8.38
CA ARG A 85 20.81 -5.79 -6.98
C ARG A 85 19.43 -5.49 -6.40
N PRO A 87 17.20 -5.17 -2.18
CA PRO A 87 16.10 -4.25 -2.53
C PRO A 87 16.36 -2.74 -2.30
N PHE A 88 17.56 -2.40 -1.82
CA PHE A 88 17.83 -1.04 -1.32
C PHE A 88 19.34 -0.94 -1.21
N GLN A 89 19.91 0.22 -1.59
CA GLN A 89 21.35 0.41 -1.58
C GLN A 89 21.62 1.90 -1.30
N VAL A 90 22.73 2.19 -0.62
CA VAL A 90 23.18 3.59 -0.36
C VAL A 90 24.66 3.61 -0.66
N ASP A 91 25.00 4.04 -1.85
CA ASP A 91 26.36 3.90 -2.37
C ASP A 91 26.47 4.64 -3.68
N SER A 92 27.30 5.68 -3.70
CA SER A 92 27.26 6.59 -4.82
C SER A 92 27.83 5.93 -6.07
N THR A 93 28.78 5.00 -5.90
CA THR A 93 29.32 4.27 -7.05
C THR A 93 28.28 3.33 -7.69
N LEU A 94 27.65 2.49 -6.86
CA LEU A 94 26.53 1.66 -7.32
C LEU A 94 25.40 2.48 -7.90
N ARG A 95 25.04 3.58 -7.25
CA ARG A 95 23.95 4.42 -7.71
C ARG A 95 24.21 4.92 -9.15
N LYS A 96 25.46 5.32 -9.39
CA LYS A 96 25.90 5.76 -10.71
C LYS A 96 25.78 4.61 -11.74
N ALA A 97 26.27 3.42 -11.37
CA ALA A 97 26.15 2.24 -12.24
C ALA A 97 24.67 1.94 -12.58
N ILE A 98 23.81 1.98 -11.56
CA ILE A 98 22.39 1.74 -11.74
C ILE A 98 21.78 2.77 -12.69
N ASN A 99 22.13 4.04 -12.48
CA ASN A 99 21.61 5.10 -13.35
C ASN A 99 22.18 5.10 -14.77
N ALA A 100 23.27 4.37 -14.98
CA ALA A 100 23.84 4.18 -16.32
C ALA A 100 23.37 2.85 -16.96
N GLY A 101 22.46 2.14 -16.30
CA GLY A 101 21.95 0.86 -16.80
C GLY A 101 22.89 -0.34 -16.76
N GLU A 102 23.93 -0.24 -15.93
CA GLU A 102 25.00 -1.23 -15.89
C GLU A 102 24.70 -2.31 -14.88
N VAL A 103 23.82 -1.99 -13.93
CA VAL A 103 23.38 -2.91 -12.86
C VAL A 103 21.87 -2.78 -12.80
N PHE A 105 18.55 -2.82 -10.98
CA PHE A 105 18.16 -2.59 -9.59
C PHE A 105 16.65 -2.78 -9.41
N ILE A 106 16.29 -3.50 -8.36
CA ILE A 106 14.87 -3.60 -8.09
C ILE A 106 14.60 -3.17 -6.66
N ASP A 107 14.03 -1.97 -6.47
CA ASP A 107 13.67 -1.57 -5.11
C ASP A 107 12.31 -2.09 -4.84
N GLN A 108 12.23 -2.78 -3.73
CA GLN A 108 11.00 -3.42 -3.29
C GLN A 108 10.62 -2.86 -1.96
N HIS A 109 9.30 -2.83 -1.67
CA HIS A 109 8.84 -2.57 -0.33
C HIS A 109 9.56 -3.56 0.57
N LEU A 110 10.22 -3.05 1.62
CA LEU A 110 11.16 -3.89 2.38
C LEU A 110 10.54 -5.13 3.03
N SER A 111 9.24 -5.09 3.37
CA SER A 111 8.58 -6.26 3.97
C SER A 111 8.23 -7.35 2.98
N GLU A 112 8.32 -7.06 1.67
CA GLU A 112 7.68 -7.93 0.67
C GLU A 112 8.60 -8.92 -0.02
N THR A 113 9.91 -8.67 -0.05
CA THR A 113 10.86 -9.57 -0.73
C THR A 113 10.75 -11.03 -0.26
N VAL A 114 10.68 -11.24 1.06
CA VAL A 114 10.65 -12.61 1.58
C VAL A 114 9.28 -13.26 1.30
N GLU A 115 8.24 -12.43 1.16
CA GLU A 115 6.94 -12.91 0.78
C GLU A 115 6.99 -13.42 -0.66
N GLN A 116 7.62 -12.64 -1.54
CA GLN A 116 7.80 -13.08 -2.93
C GLN A 116 8.61 -14.38 -2.98
N LEU A 117 9.73 -14.41 -2.27
CA LEU A 117 10.54 -15.61 -2.24
C LEU A 117 9.79 -16.84 -1.78
N ARG A 118 9.03 -16.71 -0.69
CA ARG A 118 8.39 -17.89 -0.11
C ARG A 118 7.18 -18.42 -0.92
N ASN A 119 6.63 -17.60 -1.81
CA ASN A 119 5.45 -18.02 -2.61
C ASN A 119 5.75 -18.12 -4.11
N HIS A 120 7.01 -18.43 -4.46
CA HIS A 120 7.43 -18.77 -5.83
C HIS A 120 7.47 -17.59 -6.81
N GLN A 121 7.45 -16.36 -6.30
CA GLN A 121 7.38 -15.20 -7.20
C GLN A 121 8.73 -14.55 -7.52
N LEU A 122 9.79 -15.11 -6.94
CA LEU A 122 11.12 -14.51 -6.99
C LEU A 122 12.15 -15.60 -6.78
N LYS A 123 13.21 -15.58 -7.58
CA LYS A 123 14.19 -16.65 -7.58
C LYS A 123 14.93 -16.70 -6.22
N LEU A 124 15.02 -17.89 -5.66
CA LEU A 124 15.60 -18.06 -4.34
C LEU A 124 17.12 -17.81 -4.37
N PRO A 125 17.70 -17.36 -3.22
CA PRO A 125 19.17 -17.35 -3.15
C PRO A 125 19.75 -18.78 -3.22
N ASP A 126 20.85 -18.96 -3.98
CA ASP A 126 21.60 -20.19 -3.95
C ASP A 126 22.41 -20.36 -2.67
N ILE A 127 22.90 -19.25 -2.15
CA ILE A 127 23.79 -19.28 -1.02
C ILE A 127 23.54 -18.00 -0.21
N ALA A 128 23.52 -18.16 1.10
CA ALA A 128 23.32 -17.07 2.03
C ALA A 128 24.64 -16.79 2.73
N VAL A 129 24.96 -15.52 2.90
CA VAL A 129 26.18 -15.13 3.63
C VAL A 129 25.77 -14.27 4.84
N ILE A 130 25.83 -14.84 6.04
CA ILE A 130 25.20 -14.19 7.19
C ILE A 130 26.23 -13.84 8.26
N GLU A 131 26.28 -12.58 8.67
CA GLU A 131 27.13 -12.21 9.80
C GLU A 131 26.51 -12.67 11.12
N ALA A 132 27.34 -13.22 12.00
CA ALA A 132 26.87 -13.77 13.27
C ALA A 132 27.72 -13.32 14.46
N ALA A 133 27.07 -13.14 15.61
CA ALA A 133 27.71 -13.00 16.93
C ALA A 133 28.16 -14.38 17.47
N ALA A 134 27.36 -15.40 17.16
CA ALA A 134 27.61 -16.75 17.65
C ALA A 134 26.78 -17.78 16.87
N ILE A 135 27.19 -19.05 17.00
CA ILE A 135 26.43 -20.21 16.53
C ILE A 135 26.13 -21.07 17.76
N THR A 136 24.88 -21.52 17.88
CA THR A 136 24.43 -22.12 19.12
C THR A 136 24.81 -23.59 19.19
N GLU A 137 24.45 -24.26 20.29
CA GLU A 137 24.73 -25.68 20.48
C GLU A 137 24.01 -26.51 19.44
N GLN A 138 22.86 -26.01 18.97
CA GLN A 138 22.08 -26.67 17.93
C GLN A 138 22.50 -26.29 16.49
N GLY A 139 23.50 -25.41 16.37
CA GLY A 139 23.97 -24.92 15.07
C GLY A 139 23.16 -23.78 14.47
N HIS A 140 22.44 -23.03 15.31
CA HIS A 140 21.53 -21.98 14.85
C HIS A 140 22.23 -20.65 14.99
N ILE A 141 21.84 -19.69 14.14
CA ILE A 141 22.66 -18.47 13.97
C ILE A 141 22.15 -17.30 14.78
N VAL A 142 23.02 -16.73 15.60
CA VAL A 142 22.72 -15.48 16.29
C VAL A 142 23.28 -14.35 15.44
N PRO A 143 22.41 -13.47 14.92
CA PRO A 143 22.90 -12.34 14.13
C PRO A 143 23.52 -11.26 15.00
N THR A 144 23.94 -10.18 14.34
CA THR A 144 24.58 -9.09 15.05
C THR A 144 23.63 -7.91 15.17
N THR A 145 23.93 -6.82 14.49
CA THR A 145 23.25 -5.56 14.80
C THR A 145 21.98 -5.35 14.00
N SER A 146 21.69 -6.28 13.08
CA SER A 146 20.39 -6.24 12.36
C SER A 146 19.91 -7.65 12.14
N VAL A 147 18.62 -7.81 11.93
CA VAL A 147 18.09 -9.08 11.42
C VAL A 147 17.87 -8.93 9.89
N GLY A 148 17.11 -7.91 9.48
CA GLY A 148 16.85 -7.69 8.05
C GLY A 148 16.19 -8.92 7.46
N ASN A 149 16.73 -9.42 6.34
CA ASN A 149 16.17 -10.58 5.63
C ASN A 149 16.91 -11.89 5.95
N SER A 150 17.85 -11.82 6.88
CA SER A 150 18.81 -12.91 7.07
C SER A 150 18.21 -14.26 7.46
N ALA A 151 17.14 -14.24 8.25
CA ALA A 151 16.52 -15.51 8.64
C ALA A 151 15.92 -16.21 7.45
N SER A 152 15.18 -15.46 6.61
CA SER A 152 14.66 -16.04 5.36
C SER A 152 15.79 -16.48 4.40
N PHE A 153 16.82 -15.64 4.24
CA PHE A 153 17.96 -16.01 3.35
C PHE A 153 18.59 -17.34 3.84
N ALA A 154 18.88 -17.44 5.14
CA ALA A 154 19.48 -18.67 5.71
C ALA A 154 18.63 -19.93 5.48
N ILE A 155 17.31 -19.77 5.64
CA ILE A 155 16.37 -20.86 5.48
C ILE A 155 16.19 -21.23 3.99
N PHE A 156 15.98 -20.24 3.10
CA PHE A 156 15.77 -20.58 1.69
C PHE A 156 17.02 -21.13 0.94
N ALA A 157 18.21 -20.60 1.26
CA ALA A 157 19.43 -20.94 0.51
C ALA A 157 19.81 -22.41 0.69
N LYS A 158 20.38 -23.05 -0.32
CA LYS A 158 20.81 -24.44 -0.17
CA LYS A 158 20.84 -24.44 -0.20
C LYS A 158 22.03 -24.48 0.75
N GLN A 159 22.86 -23.44 0.66
CA GLN A 159 24.07 -23.41 1.46
C GLN A 159 24.22 -22.09 2.19
N VAL A 160 24.80 -22.16 3.37
CA VAL A 160 24.96 -20.98 4.22
C VAL A 160 26.44 -20.76 4.60
N ILE A 161 26.94 -19.55 4.36
CA ILE A 161 28.22 -19.13 4.91
C ILE A 161 27.93 -18.27 6.14
N VAL A 162 28.55 -18.61 7.28
CA VAL A 162 28.41 -17.84 8.51
C VAL A 162 29.70 -17.09 8.77
N GLU A 163 29.58 -15.78 8.88
CA GLU A 163 30.72 -14.96 9.12
C GLU A 163 30.64 -14.51 10.59
N ILE A 164 31.46 -15.12 11.44
CA ILE A 164 31.53 -14.78 12.86
C ILE A 164 32.40 -13.54 13.00
N ASN A 165 31.80 -12.46 13.50
CA ASN A 165 32.53 -11.17 13.67
C ASN A 165 32.85 -10.87 15.15
N LEU A 166 34.14 -10.99 15.49
CA LEU A 166 34.64 -10.76 16.84
C LEU A 166 34.38 -9.34 17.36
N ALA A 167 34.07 -8.39 16.46
CA ALA A 167 33.82 -6.99 16.80
C ALA A 167 32.45 -6.76 17.41
N HIS A 168 31.61 -7.79 17.35
CA HIS A 168 30.33 -7.76 18.03
C HIS A 168 30.32 -8.75 19.17
N SER A 169 29.80 -8.34 20.32
CA SER A 169 29.84 -9.20 21.49
C SER A 169 28.82 -10.35 21.45
N THR A 170 29.17 -11.44 22.12
CA THR A 170 28.27 -12.57 22.28
C THR A 170 27.05 -12.19 23.15
N ASN A 171 27.12 -11.05 23.83
CA ASN A 171 25.99 -10.55 24.61
C ASN A 171 24.83 -10.00 23.76
N LEU A 172 25.03 -9.96 22.44
CA LEU A 172 23.91 -9.65 21.50
C LEU A 172 22.87 -10.75 21.52
N GLU A 173 23.28 -11.94 21.94
CA GLU A 173 22.36 -13.06 22.03
C GLU A 173 21.22 -12.75 23.01
N GLY A 174 19.98 -12.90 22.56
CA GLY A 174 18.79 -12.50 23.33
C GLY A 174 18.08 -11.29 22.76
N LEU A 175 18.80 -10.50 21.98
CA LEU A 175 18.30 -9.25 21.44
C LEU A 175 17.29 -9.50 20.31
N HIS A 176 17.40 -10.65 19.64
CA HIS A 176 16.63 -10.91 18.40
C HIS A 176 15.40 -11.79 18.64
N ASP A 177 14.37 -11.53 17.85
CA ASP A 177 13.16 -12.32 17.89
C ASP A 177 12.93 -12.74 16.43
N ILE A 178 13.42 -13.95 16.09
CA ILE A 178 13.31 -14.52 14.75
C ILE A 178 11.97 -15.23 14.55
N TYR A 179 11.17 -14.71 13.62
CA TYR A 179 9.82 -15.23 13.44
C TYR A 179 9.51 -15.25 11.97
N ILE A 180 9.09 -16.42 11.48
CA ILE A 180 8.69 -16.64 10.09
C ILE A 180 7.19 -16.93 10.12
N PRO A 181 6.39 -16.17 9.33
CA PRO A 181 4.95 -16.39 9.34
C PRO A 181 4.64 -17.83 8.97
N THR A 182 3.48 -18.33 9.39
CA THR A 182 3.04 -19.63 8.90
C THR A 182 2.70 -19.54 7.37
N TYR A 183 2.46 -20.68 6.75
CA TYR A 183 2.49 -20.74 5.28
C TYR A 183 1.09 -20.88 4.69
N ARG A 184 0.80 -20.09 3.66
CA ARG A 184 -0.38 -20.27 2.77
C ARG A 184 -0.42 -21.71 2.24
N PRO A 185 -1.62 -22.28 2.00
CA PRO A 185 -2.96 -21.70 1.97
C PRO A 185 -3.64 -21.74 3.36
N THR A 186 -2.90 -22.03 4.41
CA THR A 186 -3.49 -22.12 5.77
C THR A 186 -2.71 -21.23 6.77
N ARG A 187 -2.39 -20.01 6.33
CA ARG A 187 -1.63 -19.11 7.20
C ARG A 187 -2.46 -18.62 8.39
N THR A 188 -1.84 -18.53 9.57
CA THR A 188 -2.50 -18.06 10.78
C THR A 188 -2.00 -16.64 11.10
N PRO A 189 -2.64 -15.95 12.05
CA PRO A 189 -2.21 -14.58 12.37
C PRO A 189 -0.79 -14.49 12.92
N ILE A 190 -0.16 -13.36 12.64
CA ILE A 190 1.09 -13.04 13.30
C ILE A 190 0.68 -12.64 14.73
N PRO A 191 1.10 -13.45 15.73
CA PRO A 191 0.48 -13.29 17.05
C PRO A 191 1.11 -12.16 17.90
N LEU A 192 1.46 -11.04 17.27
CA LEU A 192 2.04 -9.89 17.99
C LEU A 192 0.97 -8.85 18.26
N THR A 193 0.76 -8.47 19.52
CA THR A 193 -0.21 -7.38 19.83
C THR A 193 0.41 -6.20 20.59
N ARG A 194 1.63 -6.41 21.09
CA ARG A 194 2.39 -5.39 21.82
C ARG A 194 3.80 -5.29 21.27
N VAL A 195 4.38 -4.09 21.36
CA VAL A 195 5.64 -3.78 20.72
C VAL A 195 6.83 -4.64 21.18
N ASP A 196 6.74 -5.20 22.39
CA ASP A 196 7.81 -5.98 23.02
C ASP A 196 7.50 -7.46 23.10
N ASP A 197 6.45 -7.90 22.40
CA ASP A 197 6.13 -9.33 22.36
C ASP A 197 7.29 -10.11 21.79
N ARG A 198 7.58 -11.25 22.42
CA ARG A 198 8.47 -12.24 21.83
C ARG A 198 7.56 -13.31 21.22
N ILE A 199 7.68 -13.50 19.90
CA ILE A 199 6.86 -14.48 19.16
C ILE A 199 7.68 -15.57 18.48
N GLY A 200 9.01 -15.39 18.50
CA GLY A 200 9.93 -16.23 17.78
C GLY A 200 11.01 -16.78 18.67
N SER A 201 12.22 -16.90 18.13
CA SER A 201 13.35 -17.43 18.86
C SER A 201 14.53 -16.45 18.80
N THR A 202 15.54 -16.70 19.60
CA THR A 202 16.70 -15.79 19.66
C THR A 202 17.79 -16.04 18.61
N ALA A 203 17.73 -17.20 17.97
CA ALA A 203 18.63 -17.57 16.86
C ALA A 203 17.84 -17.95 15.62
N ILE A 204 18.51 -17.88 14.47
CA ILE A 204 17.91 -18.29 13.22
C ILE A 204 18.01 -19.79 13.15
N PRO A 205 16.85 -20.50 13.15
CA PRO A 205 16.99 -21.95 13.19
C PRO A 205 17.17 -22.58 11.80
N ILE A 206 18.30 -23.25 11.58
CA ILE A 206 18.52 -24.02 10.35
C ILE A 206 19.18 -25.34 10.76
N PRO A 207 19.06 -26.39 9.93
CA PRO A 207 19.95 -27.56 10.13
C PRO A 207 21.43 -27.18 9.89
N PRO A 208 22.34 -27.46 10.86
CA PRO A 208 23.74 -27.08 10.70
C PRO A 208 24.49 -27.77 9.52
N GLU A 209 23.97 -28.89 9.02
CA GLU A 209 24.56 -29.53 7.83
C GLU A 209 24.64 -28.63 6.59
N LYS A 210 23.75 -27.65 6.49
CA LYS A 210 23.73 -26.74 5.34
C LYS A 210 24.78 -25.59 5.47
N ILE A 211 25.44 -25.48 6.64
CA ILE A 211 26.51 -24.49 6.82
C ILE A 211 27.74 -25.07 6.11
N VAL A 212 28.25 -24.37 5.11
CA VAL A 212 29.32 -24.89 4.29
C VAL A 212 30.64 -24.21 4.62
N ALA A 213 30.57 -23.09 5.34
CA ALA A 213 31.78 -22.33 5.69
C ALA A 213 31.50 -21.40 6.87
N ILE A 214 32.45 -21.35 7.80
CA ILE A 214 32.49 -20.34 8.83
C ILE A 214 33.77 -19.54 8.60
N VAL A 215 33.63 -18.22 8.51
CA VAL A 215 34.74 -17.31 8.32
C VAL A 215 34.83 -16.44 9.57
N ILE A 216 36.04 -16.27 10.11
CA ILE A 216 36.27 -15.45 11.30
C ILE A 216 36.73 -14.08 10.84
N ASN A 217 36.01 -13.06 11.31
CA ASN A 217 36.34 -11.69 10.97
C ASN A 217 36.40 -10.81 12.23
N ASP A 218 36.96 -9.61 12.11
CA ASP A 218 36.97 -8.66 13.24
C ASP A 218 37.00 -7.27 12.65
N GLN A 219 35.81 -6.67 12.50
CA GLN A 219 35.69 -5.42 11.77
C GLN A 219 34.40 -4.70 12.21
N PRO A 220 34.49 -3.43 12.63
CA PRO A 220 33.22 -2.78 13.01
C PRO A 220 32.27 -2.50 11.85
N ASP A 221 31.01 -2.17 12.19
CA ASP A 221 30.06 -1.66 11.22
C ASP A 221 30.51 -0.25 10.89
N SER A 222 30.30 0.18 9.65
CA SER A 222 30.39 1.60 9.33
C SER A 222 29.33 2.31 10.20
N PRO A 223 29.72 3.43 10.83
CA PRO A 223 28.79 4.18 11.65
C PRO A 223 27.75 4.97 10.85
N SER A 224 26.65 5.27 11.52
CA SER A 224 25.69 6.22 11.00
C SER A 224 26.39 7.56 10.70
N THR A 225 26.00 8.20 9.61
CA THR A 225 26.58 9.50 9.26
C THR A 225 25.55 10.63 9.43
N VAL A 226 24.54 10.43 10.26
CA VAL A 226 23.53 11.46 10.51
C VAL A 226 24.25 12.76 10.94
N LEU A 227 23.80 13.89 10.39
CA LEU A 227 24.33 15.21 10.77
C LEU A 227 23.69 15.63 12.08
N PRO A 228 24.36 16.51 12.87
CA PRO A 228 23.62 17.10 14.00
C PRO A 228 22.44 17.95 13.52
N PRO A 229 21.38 18.06 14.34
CA PRO A 229 20.21 18.89 14.01
C PRO A 229 20.61 20.34 13.75
N ASP A 230 19.89 21.01 12.86
CA ASP A 230 20.16 22.40 12.55
C ASP A 230 18.86 23.21 12.72
N GLY A 231 18.92 24.49 12.43
CA GLY A 231 17.75 25.36 12.59
C GLY A 231 16.54 24.85 11.82
N GLU A 232 16.78 24.35 10.61
CA GLU A 232 15.68 23.82 9.78
C GLU A 232 15.05 22.53 10.28
N THR A 233 15.85 21.56 10.69
CA THR A 233 15.27 20.30 11.20
C THR A 233 14.57 20.56 12.53
N GLN A 234 15.13 21.47 13.33
CA GLN A 234 14.49 21.89 14.57
C GLN A 234 13.11 22.51 14.30
N ALA A 235 13.05 23.40 13.31
CA ALA A 235 11.76 23.96 12.86
C ALA A 235 10.75 22.90 12.42
N ILE A 236 11.23 21.88 11.70
CA ILE A 236 10.40 20.75 11.32
C ILE A 236 9.84 19.99 12.55
N ALA A 237 10.72 19.62 13.47
CA ALA A 237 10.30 19.00 14.73
C ALA A 237 9.32 19.88 15.52
N ASN A 238 9.60 21.18 15.63
CA ASN A 238 8.64 22.09 16.31
C ASN A 238 7.27 22.21 15.63
N HIS A 239 7.22 22.27 14.30
CA HIS A 239 5.91 22.24 13.64
C HIS A 239 5.11 20.96 13.96
N LEU A 240 5.82 19.85 13.94
CA LEU A 240 5.23 18.56 14.21
C LEU A 240 4.78 18.41 15.66
N ILE A 241 5.58 18.90 16.60
CA ILE A 241 5.23 18.93 18.02
C ILE A 241 3.97 19.76 18.27
N ASP A 242 3.89 20.94 17.67
CA ASP A 242 2.69 21.77 17.77
C ASP A 242 1.47 21.02 17.29
N PHE A 243 1.64 20.28 16.20
CA PHE A 243 0.55 19.49 15.65
C PHE A 243 0.08 18.40 16.63
N PHE A 244 1.02 17.59 17.12
CA PHE A 244 0.67 16.57 18.12
C PHE A 244 0.02 17.21 19.36
N LYS A 245 0.52 18.40 19.78
CA LYS A 245 -0.07 19.11 20.94
C LYS A 245 -1.54 19.48 20.68
N ARG A 246 -1.83 19.95 19.47
CA ARG A 246 -3.20 20.27 19.11
C ARG A 246 -4.08 19.01 19.09
N GLU A 247 -3.51 17.90 18.62
CA GLU A 247 -4.22 16.60 18.58
C GLU A 247 -4.54 16.08 19.98
N VAL A 248 -3.56 16.11 20.87
CA VAL A 248 -3.76 15.70 22.28
C VAL A 248 -4.77 16.63 22.97
N ASP A 249 -4.53 17.94 22.92
CA ASP A 249 -5.48 18.88 23.54
C ASP A 249 -6.89 18.75 22.96
N ALA A 250 -7.03 18.19 21.76
CA ALA A 250 -8.34 18.01 21.13
C ALA A 250 -9.02 16.67 21.49
N GLY A 251 -8.34 15.87 22.30
CA GLY A 251 -8.80 14.52 22.61
C GLY A 251 -8.69 13.56 21.43
N ARG A 252 -7.92 13.90 20.39
CA ARG A 252 -7.72 13.02 19.24
C ARG A 252 -6.47 12.12 19.35
N SER A 254 -3.52 10.63 22.71
CA SER A 254 -3.06 10.72 24.10
C SER A 254 -1.63 11.27 24.16
N ASN A 255 -1.15 11.45 25.38
CA ASN A 255 0.16 12.07 25.57
C ASN A 255 1.34 11.13 25.24
N SER A 256 1.06 9.85 25.11
CA SER A 256 2.08 8.89 24.67
C SER A 256 2.03 8.65 23.16
N LEU A 257 1.32 9.51 22.44
CA LEU A 257 1.22 9.44 20.99
C LEU A 257 0.80 8.05 20.52
N GLY A 258 1.61 7.45 19.66
CA GLY A 258 1.33 6.13 19.13
C GLY A 258 2.70 5.52 18.91
N PRO A 259 2.77 4.19 18.69
CA PRO A 259 4.06 3.57 18.43
C PRO A 259 4.71 4.28 17.26
N LEU A 260 5.94 4.73 17.47
CA LEU A 260 6.63 5.57 16.51
C LEU A 260 7.54 4.75 15.57
N GLN A 261 7.46 5.05 14.29
CA GLN A 261 8.45 4.59 13.30
C GLN A 261 9.14 5.84 12.75
N ALA A 262 10.47 5.83 12.73
CA ALA A 262 11.22 6.95 12.14
C ALA A 262 12.23 6.46 11.07
N GLY A 263 12.14 7.10 9.91
CA GLY A 263 12.99 6.75 8.79
C GLY A 263 14.47 6.91 9.05
N ILE A 264 15.24 6.09 8.36
CA ILE A 264 16.67 6.25 8.15
C ILE A 264 17.01 7.69 7.71
N GLY A 265 18.12 8.22 8.22
CA GLY A 265 18.65 9.50 7.75
C GLY A 265 18.52 10.67 8.69
N SER A 266 19.32 11.71 8.42
CA SER A 266 19.47 12.84 9.36
C SER A 266 18.21 13.59 9.67
N ILE A 267 17.36 13.86 8.68
CA ILE A 267 16.15 14.65 8.99
C ILE A 267 15.23 13.95 9.99
N ALA A 268 14.92 12.69 9.70
CA ALA A 268 13.98 11.91 10.53
C ALA A 268 14.61 11.70 11.91
N ASN A 269 15.90 11.37 11.93
CA ASN A 269 16.60 11.21 13.20
C ASN A 269 16.60 12.52 14.01
N ALA A 270 16.87 13.63 13.33
CA ALA A 270 16.83 14.96 13.95
C ALA A 270 15.44 15.33 14.43
N VAL A 271 14.41 14.93 13.66
CA VAL A 271 13.03 15.20 14.09
C VAL A 271 12.72 14.42 15.35
N CYS A 273 14.96 13.44 17.72
CA CYS A 273 15.69 14.13 18.80
C CYS A 273 14.85 15.32 19.29
N GLY A 274 14.14 15.94 18.36
CA GLY A 274 13.26 17.09 18.65
C GLY A 274 12.16 16.84 19.67
N LEU A 275 11.83 15.57 19.89
CA LEU A 275 10.76 15.18 20.82
C LEU A 275 11.21 15.18 22.26
N ILE A 276 12.51 15.36 22.49
CA ILE A 276 12.99 15.50 23.86
C ILE A 276 12.40 16.78 24.46
N GLU A 277 12.37 17.84 23.65
CA GLU A 277 11.70 19.10 24.04
C GLU A 277 10.20 19.07 23.73
N SER A 278 9.45 18.30 24.53
CA SER A 278 8.03 18.08 24.29
C SER A 278 7.42 17.54 25.57
N PRO A 279 6.08 17.65 25.74
CA PRO A 279 5.45 17.10 26.95
C PRO A 279 5.17 15.59 26.89
N PHE A 280 5.50 14.96 25.76
CA PHE A 280 5.05 13.59 25.48
C PHE A 280 5.84 12.53 26.27
N GLU A 281 5.09 11.61 26.89
CA GLU A 281 5.65 10.66 27.86
C GLU A 281 5.29 9.21 27.55
N ASN A 282 6.10 8.29 28.06
CA ASN A 282 5.87 6.85 27.90
C ASN A 282 5.71 6.41 26.44
N LEU A 283 6.67 6.82 25.62
CA LEU A 283 6.59 6.53 24.18
C LEU A 283 6.97 5.09 23.95
N THR A 284 6.52 4.52 22.84
CA THR A 284 7.13 3.29 22.34
C THR A 284 7.49 3.43 20.85
N TYR A 286 7.85 1.16 17.25
CA TYR A 286 7.80 -0.03 16.43
C TYR A 286 8.28 0.42 15.04
N SER A 287 9.61 0.36 14.85
CA SER A 287 10.27 0.98 13.72
C SER A 287 11.01 -0.06 12.86
N GLU A 288 11.60 0.40 11.77
CA GLU A 288 12.43 -0.47 10.97
C GLU A 288 13.91 -0.24 11.35
N VAL A 289 14.32 1.02 11.37
CA VAL A 289 15.65 1.34 11.87
C VAL A 289 15.60 2.10 13.22
N LEU A 290 16.55 1.75 14.09
CA LEU A 290 16.78 2.44 15.36
C LEU A 290 18.12 3.19 15.22
N GLN A 291 18.06 4.51 15.37
CA GLN A 291 19.19 5.41 15.21
C GLN A 291 19.58 6.07 16.56
N ASP A 292 20.55 7.00 16.55
CA ASP A 292 20.94 7.74 17.77
C ASP A 292 19.72 8.23 18.57
N SER A 293 18.77 8.83 17.86
CA SER A 293 17.58 9.45 18.49
C SER A 293 16.75 8.46 19.35
N THR A 294 16.74 7.18 18.97
CA THR A 294 16.12 6.14 19.80
C THR A 294 16.75 6.18 21.19
N PHE A 295 18.09 6.17 21.20
CA PHE A 295 18.83 6.14 22.44
C PHE A 295 18.81 7.47 23.21
N ASP A 296 18.76 8.60 22.49
CA ASP A 296 18.60 9.90 23.16
C ASP A 296 17.26 9.94 23.91
N LEU A 297 16.23 9.35 23.29
CA LEU A 297 14.87 9.34 23.84
C LEU A 297 14.77 8.42 25.06
N ILE A 298 15.40 7.26 24.98
CA ILE A 298 15.50 6.35 26.13
C ILE A 298 16.23 7.02 27.29
N ASP A 299 17.36 7.66 27.02
CA ASP A 299 18.14 8.36 28.06
C ASP A 299 17.35 9.51 28.65
N ALA A 300 16.52 10.16 27.84
CA ALA A 300 15.72 11.28 28.36
C ALA A 300 14.55 10.78 29.24
N GLY A 301 14.31 9.48 29.22
CA GLY A 301 13.23 8.89 30.00
C GLY A 301 11.90 8.98 29.27
N LYS A 302 11.92 9.35 27.99
CA LYS A 302 10.66 9.48 27.25
C LYS A 302 10.23 8.20 26.58
N LEU A 303 11.22 7.42 26.14
CA LEU A 303 10.98 6.21 25.38
C LEU A 303 11.13 4.95 26.24
N ARG A 304 10.02 4.25 26.42
CA ARG A 304 9.93 3.04 27.25
C ARG A 304 10.54 1.81 26.56
N PHE A 305 10.34 1.70 25.23
CA PHE A 305 10.69 0.49 24.51
C PHE A 305 10.78 0.75 23.00
N ALA A 306 11.74 0.10 22.33
CA ALA A 306 11.90 0.20 20.87
C ALA A 306 12.15 -1.14 20.21
N SER A 307 11.30 -1.48 19.23
CA SER A 307 11.46 -2.61 18.34
C SER A 307 11.98 -2.11 17.00
N GLY A 308 12.94 -2.83 16.42
CA GLY A 308 13.32 -2.53 15.04
C GLY A 308 13.84 -3.78 14.37
N SER A 309 14.40 -3.60 13.17
CA SER A 309 15.11 -4.65 12.48
C SER A 309 16.62 -4.44 12.53
N SER A 310 17.01 -3.18 12.72
CA SER A 310 18.39 -2.73 12.52
C SER A 310 18.74 -1.62 13.47
N ILE A 311 19.93 -1.70 14.04
CA ILE A 311 20.51 -0.64 14.88
C ILE A 311 21.74 0.00 14.21
N THR A 312 21.66 1.30 13.93
CA THR A 312 22.81 1.99 13.30
C THR A 312 23.05 3.35 13.98
N LEU A 313 24.23 3.48 14.58
CA LEU A 313 24.54 4.58 15.50
C LEU A 313 25.80 5.33 15.09
N SER A 314 25.90 6.58 15.51
CA SER A 314 27.14 7.37 15.38
C SER A 314 28.25 6.78 16.27
N PRO A 315 29.53 7.10 15.95
CA PRO A 315 30.64 6.37 16.65
C PRO A 315 30.60 6.28 18.19
N ARG A 316 30.47 7.41 18.90
CA ARG A 316 30.44 7.43 20.36
CA ARG A 316 30.49 7.32 20.36
C ARG A 316 29.18 6.75 20.94
N ARG A 317 28.02 7.05 20.34
CA ARG A 317 26.76 6.45 20.78
C ARG A 317 26.87 4.92 20.61
N ASN A 318 27.43 4.49 19.48
CA ASN A 318 27.62 3.07 19.28
C ASN A 318 28.48 2.47 20.38
N ALA A 319 29.61 3.11 20.68
CA ALA A 319 30.48 2.61 21.73
C ALA A 319 29.74 2.57 23.07
N ASP A 320 28.95 3.60 23.34
CA ASP A 320 28.21 3.70 24.58
C ASP A 320 27.19 2.57 24.73
N VAL A 321 26.38 2.33 23.68
CA VAL A 321 25.34 1.30 23.73
C VAL A 321 25.96 -0.10 23.84
N PHE A 322 26.85 -0.44 22.92
CA PHE A 322 27.34 -1.83 22.85
C PHE A 322 28.44 -2.12 23.88
N GLY A 323 29.02 -1.07 24.44
CA GLY A 323 29.91 -1.22 25.58
C GLY A 323 29.12 -1.41 26.87
N ASN A 324 27.86 -0.94 26.87
CA ASN A 324 27.02 -0.97 28.09
C ASN A 324 25.62 -1.49 27.77
N LEU A 325 25.57 -2.62 27.07
CA LEU A 325 24.32 -3.13 26.50
C LEU A 325 23.23 -3.40 27.53
N GLU A 326 23.62 -3.82 28.74
CA GLU A 326 22.60 -4.22 29.70
CA GLU A 326 22.68 -4.18 29.81
C GLU A 326 21.77 -3.03 30.16
N ARG A 327 22.27 -1.82 29.93
CA ARG A 327 21.49 -0.61 30.21
C ARG A 327 20.24 -0.49 29.30
N TYR A 328 20.35 -1.08 28.11
CA TYR A 328 19.31 -0.93 27.07
C TYR A 328 18.63 -2.23 26.66
N LYS A 329 19.21 -3.37 27.03
CA LYS A 329 18.85 -4.63 26.43
C LYS A 329 17.37 -4.98 26.66
N ASP A 330 16.88 -4.63 27.86
CA ASP A 330 15.49 -4.87 28.26
C ASP A 330 14.47 -3.92 27.57
N LYS A 331 14.99 -2.95 26.79
CA LYS A 331 14.17 -1.93 26.15
C LYS A 331 14.19 -2.01 24.61
N LEU A 332 14.76 -3.10 24.10
CA LEU A 332 15.00 -3.29 22.67
C LEU A 332 14.62 -4.68 22.23
N VAL A 333 14.31 -4.81 20.95
CA VAL A 333 14.20 -6.12 20.33
C VAL A 333 14.44 -5.87 18.84
N LEU A 334 15.07 -6.84 18.20
CA LEU A 334 15.32 -6.78 16.76
C LEU A 334 14.56 -7.93 16.09
N ARG A 335 13.82 -7.60 15.02
CA ARG A 335 12.99 -8.54 14.31
C ARG A 335 13.37 -8.59 12.82
N PRO A 336 12.95 -9.64 12.11
CA PRO A 336 13.08 -9.63 10.66
C PRO A 336 12.37 -8.40 10.15
N GLN A 337 12.88 -7.81 9.08
CA GLN A 337 12.27 -6.61 8.52
C GLN A 337 10.87 -6.89 7.99
N GLU A 338 10.58 -8.15 7.66
CA GLU A 338 9.21 -8.49 7.30
C GLU A 338 8.24 -8.21 8.46
N ILE A 339 8.67 -8.51 9.68
CA ILE A 339 7.82 -8.40 10.88
C ILE A 339 7.85 -6.98 11.43
N SER A 340 9.01 -6.33 11.38
CA SER A 340 9.06 -4.94 11.80
C SER A 340 8.20 -4.04 10.88
N ASN A 341 7.94 -4.49 9.65
CA ASN A 341 7.29 -3.64 8.63
C ASN A 341 5.95 -4.23 8.19
N HIS A 342 5.50 -5.30 8.87
CA HIS A 342 4.39 -6.07 8.32
C HIS A 342 3.07 -5.28 8.32
N PRO A 343 2.38 -5.19 7.16
CA PRO A 343 1.10 -4.45 7.11
C PRO A 343 0.16 -4.85 8.21
N GLU A 344 0.09 -6.16 8.51
CA GLU A 344 -0.86 -6.65 9.51
C GLU A 344 -0.46 -6.03 10.85
N VAL A 345 0.85 -5.95 11.11
CA VAL A 345 1.31 -5.40 12.39
C VAL A 345 1.23 -3.87 12.39
N VAL A 346 1.57 -3.23 11.28
CA VAL A 346 1.55 -1.78 11.23
C VAL A 346 0.14 -1.26 11.48
N ARG A 347 -0.83 -1.83 10.81
CA ARG A 347 -2.21 -1.42 11.01
C ARG A 347 -2.81 -1.85 12.36
N ARG A 348 -2.41 -3.01 12.88
CA ARG A 348 -2.87 -3.45 14.20
C ARG A 348 -2.43 -2.41 15.20
N LEU A 349 -1.15 -2.04 15.16
CA LEU A 349 -0.59 -1.17 16.20
C LEU A 349 -0.92 0.32 16.05
N GLY A 350 -1.25 0.76 14.83
CA GLY A 350 -1.57 2.16 14.65
C GLY A 350 -0.31 3.00 14.75
N ILE A 351 0.68 2.60 13.97
CA ILE A 351 1.94 3.30 13.94
C ILE A 351 1.83 4.76 13.42
N ILE A 352 2.62 5.63 14.04
CA ILE A 352 2.88 6.99 13.58
C ILE A 352 4.23 6.97 12.88
N GLY A 353 4.22 7.04 11.53
CA GLY A 353 5.44 6.91 10.75
C GLY A 353 5.94 8.27 10.28
N ILE A 354 7.23 8.49 10.43
CA ILE A 354 7.83 9.79 10.08
C ILE A 354 8.96 9.44 9.10
N ASN A 355 8.77 9.80 7.83
CA ASN A 355 9.72 9.37 6.79
C ASN A 355 10.08 10.56 5.94
N THR A 356 11.26 10.53 5.31
CA THR A 356 11.75 11.70 4.61
C THR A 356 11.38 11.65 3.10
N ALA A 357 10.91 12.77 2.55
CA ALA A 357 10.54 12.88 1.13
C ALA A 357 11.73 13.49 0.41
N LEU A 358 12.00 13.04 -0.80
CA LEU A 358 12.87 13.75 -1.72
C LEU A 358 12.10 15.01 -2.20
N GLU A 359 10.83 14.84 -2.58
CA GLU A 359 9.98 15.97 -2.96
C GLU A 359 8.53 15.55 -2.81
N PHE A 360 7.62 16.52 -2.74
CA PHE A 360 6.21 16.23 -2.76
C PHE A 360 5.47 17.30 -3.58
N ASP A 361 4.24 16.97 -4.00
CA ASP A 361 3.49 17.96 -4.79
C ASP A 361 2.29 18.53 -4.04
N ILE A 362 1.62 19.47 -4.69
CA ILE A 362 0.50 20.22 -4.10
C ILE A 362 -0.72 19.36 -3.87
N TYR A 363 -0.68 18.12 -4.34
CA TYR A 363 -1.80 17.25 -4.12
C TYR A 363 -1.49 16.16 -3.13
N GLY A 364 -0.28 16.19 -2.57
CA GLY A 364 0.06 15.32 -1.46
C GLY A 364 0.80 14.07 -1.90
N ASN A 365 1.21 13.97 -3.17
CA ASN A 365 1.98 12.80 -3.63
C ASN A 365 3.42 12.96 -3.24
N VAL A 366 4.09 11.84 -2.95
CA VAL A 366 5.44 11.87 -2.40
C VAL A 366 6.35 11.01 -3.28
N ASN A 367 7.51 11.60 -3.57
CA ASN A 367 8.64 10.97 -4.25
C ASN A 367 9.70 10.72 -3.20
N SER A 368 10.11 9.45 -3.06
CA SER A 368 11.19 9.12 -2.11
C SER A 368 12.49 8.71 -2.79
N THR A 369 12.55 8.76 -4.13
CA THR A 369 13.63 8.02 -4.84
C THR A 369 14.28 8.64 -6.07
N HIS A 370 13.51 9.30 -6.92
CA HIS A 370 14.01 9.66 -8.26
C HIS A 370 14.20 11.16 -8.46
N VAL A 371 15.43 11.57 -8.74
CA VAL A 371 15.72 12.95 -9.14
C VAL A 371 15.33 13.13 -10.63
N GLY A 372 14.56 14.18 -10.92
CA GLY A 372 14.09 14.42 -12.27
C GLY A 372 13.23 13.29 -12.86
N GLY A 373 12.65 12.47 -11.99
CA GLY A 373 11.85 11.32 -12.41
C GLY A 373 12.62 10.13 -12.95
N THR A 374 13.95 10.25 -13.07
CA THR A 374 14.74 9.24 -13.77
C THR A 374 15.91 8.66 -12.99
N LYS A 375 16.52 9.48 -12.12
CA LYS A 375 17.75 9.11 -11.41
C LYS A 375 17.48 8.56 -10.00
N ASN A 378 18.23 5.91 -3.51
CA ASN A 378 18.47 4.70 -2.73
C ASN A 378 17.41 3.61 -2.87
N GLY A 379 16.15 4.02 -2.83
CA GLY A 379 15.04 3.06 -2.95
C GLY A 379 13.88 3.44 -2.06
N ILE A 380 12.70 2.88 -2.34
CA ILE A 380 11.51 3.22 -1.56
C ILE A 380 11.68 2.75 -0.07
N GLY A 381 12.47 1.70 0.14
CA GLY A 381 12.72 1.20 1.51
C GLY A 381 11.45 0.75 2.21
N GLY A 382 11.31 1.09 3.50
CA GLY A 382 10.14 0.70 4.25
C GLY A 382 9.06 1.77 4.27
N SER A 383 9.32 2.91 3.63
CA SER A 383 8.41 4.04 3.70
C SER A 383 6.95 3.68 3.26
N GLY A 384 6.83 2.83 2.25
CA GLY A 384 5.52 2.42 1.76
C GLY A 384 4.86 1.40 2.68
N ASP A 385 5.63 0.45 3.21
CA ASP A 385 5.10 -0.44 4.26
C ASP A 385 4.47 0.38 5.40
N PHE A 386 5.14 1.42 5.87
CA PHE A 386 4.59 2.19 7.01
C PHE A 386 3.52 3.15 6.57
N ALA A 387 3.80 3.95 5.51
CA ALA A 387 2.82 4.98 5.09
C ALA A 387 1.45 4.45 4.73
N ARG A 388 1.40 3.37 3.97
CA ARG A 388 0.10 2.83 3.57
C ARG A 388 -0.78 2.46 4.78
N ASN A 389 -0.17 1.93 5.85
CA ASN A 389 -0.94 1.27 6.89
C ASN A 389 -0.90 1.97 8.25
N ALA A 390 -0.22 3.11 8.27
CA ALA A 390 0.00 3.87 9.46
C ALA A 390 -1.28 4.54 9.91
N HIS A 391 -1.34 4.81 11.21
CA HIS A 391 -2.40 5.65 11.80
C HIS A 391 -2.20 7.07 11.32
N LEU A 392 -0.94 7.52 11.33
CA LEU A 392 -0.55 8.79 10.67
C LEU A 392 0.71 8.59 9.86
N ALA A 393 0.62 8.91 8.57
CA ALA A 393 1.76 8.90 7.65
C ALA A 393 2.24 10.34 7.46
N ILE A 394 3.41 10.62 8.03
CA ILE A 394 3.99 11.97 8.04
C ILE A 394 5.22 11.94 7.15
N PHE A 395 5.32 12.87 6.21
CA PHE A 395 6.54 12.97 5.44
C PHE A 395 7.15 14.36 5.69
N VAL A 396 8.48 14.38 5.82
CA VAL A 396 9.21 15.58 6.13
C VAL A 396 10.33 15.82 5.12
N THR A 397 10.68 17.10 4.93
CA THR A 397 11.81 17.48 4.13
C THR A 397 12.07 18.97 4.27
N LYS A 398 13.32 19.42 4.18
CA LYS A 398 13.54 20.85 3.97
C LYS A 398 12.86 21.29 2.65
N SER A 399 12.42 22.55 2.54
CA SER A 399 11.52 22.98 1.45
C SER A 399 12.23 23.28 0.15
N ILE A 400 13.56 23.37 0.21
CA ILE A 400 14.40 23.64 -0.93
C ILE A 400 15.72 22.88 -0.78
N ALA A 401 16.46 22.78 -1.88
CA ALA A 401 17.79 22.19 -1.88
C ALA A 401 18.63 23.00 -2.85
N LYS A 402 19.93 22.71 -2.93
CA LYS A 402 20.89 23.39 -3.83
C LYS A 402 20.76 24.90 -3.80
N GLY A 403 20.85 25.47 -2.61
CA GLY A 403 20.85 26.95 -2.47
C GLY A 403 19.61 27.65 -3.01
N GLY A 404 18.48 26.94 -3.08
CA GLY A 404 17.25 27.53 -3.60
C GLY A 404 16.94 27.14 -5.03
N ASN A 405 17.91 26.53 -5.70
CA ASN A 405 17.75 26.18 -7.11
C ASN A 405 16.69 25.10 -7.33
N ILE A 406 16.44 24.31 -6.28
CA ILE A 406 15.43 23.26 -6.27
C ILE A 406 14.40 23.52 -5.17
N SER A 407 13.11 23.42 -5.51
CA SER A 407 12.04 23.34 -4.52
C SER A 407 11.70 21.88 -4.28
N SER A 408 11.56 21.52 -2.99
CA SER A 408 11.12 20.17 -2.59
C SER A 408 9.60 20.04 -2.67
N VAL A 409 8.92 21.15 -2.97
CA VAL A 409 7.49 21.16 -3.17
C VAL A 409 7.28 21.64 -4.61
N VAL A 410 6.61 20.80 -5.40
CA VAL A 410 6.53 21.03 -6.84
C VAL A 410 5.06 20.94 -7.34
N PRO A 411 4.79 21.40 -8.58
CA PRO A 411 3.41 21.26 -9.09
C PRO A 411 2.95 19.78 -9.20
N VAL A 413 4.98 15.77 -8.72
CA VAL A 413 6.25 15.08 -8.47
C VAL A 413 6.69 14.42 -9.76
N SER A 414 8.00 14.28 -9.92
CA SER A 414 8.53 13.70 -11.13
C SER A 414 8.41 12.17 -11.11
N HIS A 415 8.20 11.64 -9.91
CA HIS A 415 8.10 10.21 -9.69
C HIS A 415 7.26 9.96 -8.43
N VAL A 416 6.26 9.09 -8.52
CA VAL A 416 5.39 8.82 -7.37
C VAL A 416 5.82 7.55 -6.62
N ASP A 417 6.17 7.68 -5.35
CA ASP A 417 6.37 6.51 -4.47
C ASP A 417 5.18 6.32 -3.56
N HIS A 418 4.57 7.42 -3.12
CA HIS A 418 3.39 7.38 -2.28
C HIS A 418 2.36 8.28 -2.92
N THR A 419 1.24 7.68 -3.33
CA THR A 419 0.16 8.47 -3.88
C THR A 419 -0.43 9.25 -2.72
N GLU A 420 -1.27 10.22 -3.04
CA GLU A 420 -1.80 11.07 -2.00
C GLU A 420 -2.71 10.30 -1.00
N HIS A 421 -3.15 9.11 -1.40
CA HIS A 421 -3.97 8.21 -0.55
C HIS A 421 -3.24 7.72 0.70
N ASP A 422 -1.89 7.77 0.67
CA ASP A 422 -1.04 7.25 1.74
C ASP A 422 -0.26 8.34 2.44
N VAL A 423 -0.71 9.57 2.35
CA VAL A 423 0.03 10.67 2.97
C VAL A 423 -0.95 11.49 3.79
N ASP A 424 -0.73 11.62 5.09
CA ASP A 424 -1.67 12.37 5.93
C ASP A 424 -1.16 13.75 6.31
N ILE A 425 0.13 13.83 6.63
CA ILE A 425 0.75 15.05 7.14
C ILE A 425 2.08 15.36 6.41
N LEU A 426 2.26 16.60 5.97
CA LEU A 426 3.49 17.03 5.30
C LEU A 426 4.11 18.20 6.06
N VAL A 427 5.44 18.17 6.22
CA VAL A 427 6.11 19.15 7.07
C VAL A 427 7.40 19.59 6.47
N THR A 428 7.60 20.92 6.35
CA THR A 428 8.91 21.48 6.05
C THR A 428 9.29 22.45 7.19
N GLU A 429 10.46 23.10 7.09
CA GLU A 429 10.79 24.16 8.02
C GLU A 429 9.79 25.34 7.98
N GLN A 430 9.11 25.50 6.84
CA GLN A 430 8.14 26.57 6.59
C GLN A 430 6.82 26.36 7.33
N GLY A 431 6.46 25.09 7.56
CA GLY A 431 5.24 24.75 8.29
C GLY A 431 4.70 23.38 7.91
N LEU A 432 3.48 23.09 8.36
CA LEU A 432 2.88 21.76 8.28
C LEU A 432 1.52 21.80 7.58
N ALA A 433 1.29 20.82 6.69
CA ALA A 433 0.02 20.67 5.97
C ALA A 433 -0.69 19.39 6.42
N ASP A 434 -1.83 19.59 7.08
CA ASP A 434 -2.65 18.55 7.58
C ASP A 434 -3.60 18.24 6.46
N LEU A 435 -3.52 17.04 5.91
CA LEU A 435 -4.23 16.72 4.67
C LEU A 435 -5.46 15.90 4.93
N ARG A 436 -5.67 15.50 6.18
CA ARG A 436 -6.73 14.54 6.54
C ARG A 436 -8.12 15.02 6.08
N GLY A 437 -8.82 14.15 5.36
CA GLY A 437 -10.18 14.44 4.90
C GLY A 437 -10.29 15.48 3.82
N LEU A 438 -9.16 15.92 3.23
CA LEU A 438 -9.19 17.06 2.29
C LEU A 438 -9.22 16.56 0.85
N ALA A 439 -9.99 17.25 0.01
CA ALA A 439 -10.01 16.95 -1.42
C ALA A 439 -8.78 17.59 -2.09
N PRO A 440 -8.49 17.20 -3.35
CA PRO A 440 -7.24 17.69 -3.96
C PRO A 440 -7.06 19.20 -4.00
N ARG A 441 -8.07 19.95 -4.44
CA ARG A 441 -7.97 21.41 -4.43
C ARG A 441 -7.76 21.97 -3.01
N GLU A 442 -8.32 21.33 -2.00
CA GLU A 442 -8.13 21.79 -0.61
C GLU A 442 -6.70 21.52 -0.10
N ARG A 443 -6.15 20.36 -0.47
CA ARG A 443 -4.78 20.02 -0.10
CA ARG A 443 -4.76 20.00 -0.12
C ARG A 443 -3.80 21.03 -0.71
N ALA A 444 -4.04 21.43 -1.96
CA ALA A 444 -3.15 22.34 -2.67
C ALA A 444 -3.06 23.68 -1.96
N ARG A 445 -4.19 24.28 -1.62
CA ARG A 445 -4.16 25.54 -0.87
C ARG A 445 -3.45 25.40 0.49
N VAL A 446 -3.72 24.34 1.23
CA VAL A 446 -2.99 24.14 2.49
C VAL A 446 -1.47 23.88 2.30
N ILE A 447 -1.12 23.08 1.31
CA ILE A 447 0.30 22.81 1.08
C ILE A 447 1.06 24.12 0.73
N ILE A 448 0.50 24.91 -0.19
CA ILE A 448 1.13 26.12 -0.71
C ILE A 448 1.27 27.14 0.42
N GLU A 449 0.25 27.22 1.26
CA GLU A 449 0.21 28.20 2.38
C GLU A 449 1.22 27.87 3.47
N ASN A 450 1.43 26.58 3.68
CA ASN A 450 2.13 26.13 4.89
C ASN A 450 3.54 25.67 4.64
N CYS A 451 3.79 24.96 3.54
CA CYS A 451 5.06 24.20 3.39
C CYS A 451 6.07 24.77 2.42
N VAL A 452 5.58 25.50 1.43
CA VAL A 452 6.39 26.01 0.32
C VAL A 452 7.30 27.19 0.72
N HIS A 453 8.54 27.13 0.27
CA HIS A 453 9.52 28.23 0.41
C HIS A 453 9.02 29.55 -0.20
N PRO A 454 9.31 30.70 0.46
CA PRO A 454 8.93 32.01 -0.09
C PRO A 454 9.38 32.23 -1.53
N SER A 455 10.48 31.60 -1.94
CA SER A 455 10.96 31.69 -3.36
C SER A 455 9.99 31.06 -4.35
N TYR A 456 9.23 30.06 -3.89
CA TYR A 456 8.37 29.26 -4.79
C TYR A 456 6.87 29.42 -4.57
N GLN A 457 6.49 30.16 -3.53
CA GLN A 457 5.10 30.28 -3.16
C GLN A 457 4.22 30.89 -4.26
N ALA A 458 4.62 32.05 -4.77
CA ALA A 458 3.85 32.71 -5.82
C ALA A 458 3.83 31.89 -7.12
N PRO A 459 4.99 31.39 -7.59
CA PRO A 459 4.99 30.55 -8.78
C PRO A 459 4.10 29.29 -8.65
N LEU A 460 4.11 28.65 -7.49
CA LEU A 460 3.32 27.45 -7.26
C LEU A 460 1.82 27.79 -7.21
N LEU A 461 1.48 28.91 -6.57
CA LEU A 461 0.10 29.36 -6.54
C LEU A 461 -0.41 29.75 -7.93
N ASP A 462 0.42 30.45 -8.72
CA ASP A 462 0.07 30.73 -10.12
C ASP A 462 -0.20 29.47 -10.93
N TYR A 463 0.65 28.46 -10.77
CA TYR A 463 0.42 27.18 -11.44
C TYR A 463 -0.96 26.63 -11.03
N PHE A 464 -1.20 26.56 -9.72
CA PHE A 464 -2.44 26.00 -9.20
C PHE A 464 -3.67 26.79 -9.72
N GLU A 465 -3.59 28.12 -9.68
CA GLU A 465 -4.74 28.92 -10.09
C GLU A 465 -5.00 28.78 -11.60
N ALA A 466 -3.94 28.73 -12.40
CA ALA A 466 -4.09 28.57 -13.86
C ALA A 466 -4.61 27.16 -14.19
N ALA A 467 -4.11 26.14 -13.48
CA ALA A 467 -4.61 24.75 -13.59
C ALA A 467 -6.11 24.65 -13.26
N CYS A 468 -6.53 25.26 -12.15
CA CYS A 468 -7.95 25.28 -11.75
C CYS A 468 -8.84 25.87 -12.85
N ALA A 469 -8.36 26.93 -13.53
CA ALA A 469 -9.12 27.53 -14.64
C ALA A 469 -9.45 26.49 -15.71
N LYS A 470 -8.60 25.47 -15.89
CA LYS A 470 -8.84 24.39 -16.85
C LYS A 470 -9.66 23.21 -16.28
N GLY A 471 -10.06 23.34 -15.01
CA GLY A 471 -10.93 22.38 -14.35
C GLY A 471 -10.32 21.08 -13.85
N GLY A 472 -11.20 20.24 -13.31
CA GLY A 472 -10.82 18.91 -12.83
C GLY A 472 -10.81 18.79 -11.31
N HIS A 473 -11.02 17.56 -10.87
CA HIS A 473 -10.85 17.12 -9.48
C HIS A 473 -9.42 17.44 -9.01
N THR A 474 -8.44 17.14 -9.87
CA THR A 474 -7.02 17.37 -9.59
C THR A 474 -6.48 18.23 -10.72
N PRO A 475 -6.59 19.56 -10.58
CA PRO A 475 -6.14 20.45 -11.67
C PRO A 475 -4.64 20.44 -12.00
N HIS A 476 -4.30 20.36 -13.29
CA HIS A 476 -2.93 20.45 -13.77
C HIS A 476 -2.86 21.17 -15.11
N LEU A 477 -1.69 21.71 -15.40
CA LEU A 477 -1.37 22.18 -16.75
C LEU A 477 -0.40 21.15 -17.30
N LEU A 478 -0.87 20.32 -18.25
CA LEU A 478 -0.01 19.29 -18.86
C LEU A 478 1.26 19.87 -19.50
N ARG A 479 1.19 21.14 -19.94
CA ARG A 479 2.35 21.82 -20.51
C ARG A 479 3.38 22.15 -19.46
N GLU A 480 2.94 22.38 -18.23
CA GLU A 480 3.82 22.93 -17.19
C GLU A 480 4.09 22.00 -16.02
N ALA A 481 3.37 20.88 -15.92
CA ALA A 481 3.42 20.01 -14.71
C ALA A 481 4.83 19.61 -14.38
N LEU A 482 5.62 19.31 -15.43
CA LEU A 482 7.00 18.86 -15.23
C LEU A 482 8.07 19.89 -15.62
N ALA A 483 7.65 21.13 -15.89
CA ALA A 483 8.54 22.19 -16.41
C ALA A 483 9.63 22.59 -15.40
N TRP A 484 9.32 22.61 -14.10
CA TRP A 484 10.33 22.93 -13.07
C TRP A 484 11.47 21.91 -13.12
N HIS A 485 11.12 20.63 -13.28
CA HIS A 485 12.11 19.55 -13.38
C HIS A 485 12.97 19.70 -14.63
N LEU A 486 12.34 20.04 -15.75
CA LEU A 486 13.06 20.32 -16.99
C LEU A 486 13.95 21.56 -16.88
N ASN A 487 13.42 22.64 -16.31
CA ASN A 487 14.20 23.89 -16.05
C ASN A 487 15.44 23.57 -15.21
N LEU A 488 15.28 22.79 -14.13
CA LEU A 488 16.47 22.43 -13.33
C LEU A 488 17.52 21.73 -14.21
N GLU A 489 17.08 20.69 -14.90
CA GLU A 489 17.96 19.85 -15.71
C GLU A 489 18.63 20.63 -16.85
N GLU A 490 17.90 21.53 -17.50
CA GLU A 490 18.41 22.25 -18.67
C GLU A 490 19.15 23.53 -18.31
N ARG A 491 18.72 24.22 -17.26
CA ARG A 491 19.21 25.57 -16.99
C ARG A 491 19.72 25.73 -15.56
N GLY A 492 19.70 24.64 -14.78
CA GLY A 492 20.27 24.66 -13.44
C GLY A 492 19.45 25.28 -12.33
N HIS A 493 18.22 25.70 -12.64
CA HIS A 493 17.33 26.25 -11.60
C HIS A 493 15.88 25.97 -12.02
N LEU A 495 13.17 27.58 -11.64
CA LEU A 495 12.48 28.78 -12.15
C LEU A 495 13.10 29.36 -13.42
N ALA A 496 14.19 28.78 -13.90
CA ALA A 496 14.82 29.26 -15.15
C ALA A 496 14.14 28.65 -16.38
N GLY A 497 13.18 29.41 -16.91
CA GLY A 497 12.38 29.02 -18.05
C GLY A 497 13.06 29.16 -19.38
N ASP B 4 -42.84 -7.39 11.49
CA ASP B 4 -42.99 -8.32 10.30
C ASP B 4 -41.80 -9.25 9.92
N ARG B 5 -40.53 -8.88 9.63
CA ARG B 5 -39.85 -7.56 9.33
C ARG B 5 -39.36 -6.53 10.38
N VAL B 6 -40.26 -6.01 11.22
CA VAL B 6 -39.84 -5.19 12.38
C VAL B 6 -40.18 -6.04 13.58
N ARG B 7 -39.23 -6.89 13.95
CA ARG B 7 -39.46 -7.97 14.91
C ARG B 7 -39.39 -7.54 16.37
N LEU B 8 -39.04 -6.28 16.61
CA LEU B 8 -39.12 -5.67 17.92
C LEU B 8 -40.27 -4.66 17.86
N PRO B 9 -41.48 -5.09 18.35
CA PRO B 9 -42.72 -4.33 18.16
C PRO B 9 -42.69 -2.88 18.64
N SER B 10 -41.94 -2.59 19.70
CA SER B 10 -41.81 -1.21 20.17
C SER B 10 -41.18 -0.24 19.15
N LEU B 11 -40.50 -0.77 18.13
CA LEU B 11 -39.93 0.06 17.08
C LEU B 11 -40.96 0.54 16.05
N LEU B 12 -42.08 -0.17 15.92
CA LEU B 12 -43.15 0.19 14.98
C LEU B 12 -43.61 1.62 15.21
N ASP B 13 -43.41 2.05 16.44
CA ASP B 13 -43.42 3.45 16.84
C ASP B 13 -42.76 4.45 15.87
N LYS B 14 -41.63 4.05 15.29
CA LYS B 14 -40.74 4.95 14.57
C LYS B 14 -41.00 4.92 13.07
N VAL B 15 -41.99 4.14 12.65
CA VAL B 15 -42.36 4.02 11.26
C VAL B 15 -42.91 5.37 10.80
N SER B 17 -42.92 8.28 7.00
CA SER B 17 -42.69 8.41 5.55
C SER B 17 -41.22 8.74 5.26
N ALA B 18 -40.78 8.48 4.03
CA ALA B 18 -39.44 8.87 3.58
C ALA B 18 -39.21 10.35 3.77
N ALA B 19 -40.18 11.18 3.40
CA ALA B 19 -40.12 12.63 3.63
C ALA B 19 -39.95 13.00 5.11
N GLU B 20 -40.69 12.35 5.99
CA GLU B 20 -40.61 12.64 7.43
C GLU B 20 -39.20 12.30 7.93
N ALA B 21 -38.70 11.12 7.53
CA ALA B 21 -37.37 10.66 7.94
C ALA B 21 -36.24 11.54 7.37
N ALA B 22 -36.35 11.91 6.09
CA ALA B 22 -35.42 12.84 5.46
C ALA B 22 -35.35 14.23 6.14
N ASP B 23 -36.44 14.68 6.77
CA ASP B 23 -36.45 15.94 7.55
C ASP B 23 -35.57 15.88 8.80
N LEU B 24 -35.23 14.68 9.25
CA LEU B 24 -34.30 14.51 10.37
C LEU B 24 -32.84 14.83 10.00
N ILE B 25 -32.52 14.69 8.71
CA ILE B 25 -31.21 15.10 8.19
C ILE B 25 -31.11 16.61 8.10
N GLN B 26 -30.13 17.15 8.82
CA GLN B 26 -30.03 18.58 9.00
C GLN B 26 -28.83 19.19 8.31
N ASP B 27 -28.99 20.46 7.92
CA ASP B 27 -27.91 21.24 7.29
C ASP B 27 -26.62 21.09 8.09
N GLY B 28 -25.50 20.88 7.41
CA GLY B 28 -24.21 20.77 8.09
C GLY B 28 -23.80 19.37 8.53
N THR B 30 -22.83 15.35 8.74
CA THR B 30 -22.27 14.21 8.03
C THR B 30 -23.23 13.01 8.08
N VAL B 31 -23.49 12.45 6.90
CA VAL B 31 -24.41 11.34 6.73
C VAL B 31 -23.65 10.08 6.26
N GLY B 32 -23.84 8.95 6.95
CA GLY B 32 -23.29 7.69 6.50
C GLY B 32 -24.38 6.77 5.94
N SER B 34 -25.87 3.35 3.58
CA SER B 34 -25.63 2.06 2.92
C SER B 34 -25.64 2.25 1.42
N GLY B 35 -24.93 1.37 0.71
CA GLY B 35 -24.88 1.40 -0.75
C GLY B 35 -23.45 1.13 -1.22
N PHE B 36 -23.31 0.10 -2.03
CA PHE B 36 -22.01 -0.31 -2.50
C PHE B 36 -22.18 -0.82 -3.93
N THR B 37 -21.69 -0.04 -4.90
CA THR B 37 -21.83 -0.34 -6.35
C THR B 37 -23.25 -0.83 -6.69
N ARG B 38 -24.25 0.02 -6.43
CA ARG B 38 -25.68 -0.23 -6.71
C ARG B 38 -26.40 -1.16 -5.73
N ALA B 39 -25.66 -1.93 -4.95
CA ALA B 39 -26.29 -2.96 -4.14
C ALA B 39 -26.54 -2.41 -2.74
N GLY B 40 -27.77 -2.54 -2.27
CA GLY B 40 -28.09 -2.35 -0.85
C GLY B 40 -28.13 -0.92 -0.33
N GLU B 41 -28.19 0.07 -1.24
CA GLU B 41 -28.31 1.49 -0.86
C GLU B 41 -29.69 1.81 -0.33
N ALA B 42 -29.76 2.77 0.59
CA ALA B 42 -31.03 3.41 0.88
C ALA B 42 -31.49 4.14 -0.41
N LYS B 43 -32.79 4.25 -0.60
CA LYS B 43 -33.34 4.75 -1.89
C LYS B 43 -34.35 5.86 -1.68
N ALA B 44 -35.41 5.53 -0.93
CA ALA B 44 -36.52 6.45 -0.66
C ALA B 44 -36.09 7.70 0.14
N VAL B 45 -35.36 7.50 1.25
CA VAL B 45 -34.87 8.61 2.10
C VAL B 45 -33.92 9.58 1.34
N PRO B 46 -32.85 9.08 0.69
CA PRO B 46 -32.07 10.07 -0.08
C PRO B 46 -32.86 10.74 -1.24
N GLN B 47 -33.74 10.01 -1.93
CA GLN B 47 -34.58 10.65 -2.94
C GLN B 47 -35.47 11.74 -2.33
N ALA B 48 -36.07 11.48 -1.16
CA ALA B 48 -36.87 12.49 -0.47
C ALA B 48 -36.02 13.69 -0.04
N LEU B 49 -34.81 13.42 0.48
CA LEU B 49 -33.86 14.49 0.81
C LEU B 49 -33.66 15.46 -0.37
N ALA B 50 -33.36 14.91 -1.53
CA ALA B 50 -33.11 15.68 -2.75
C ALA B 50 -34.34 16.50 -3.14
N ARG B 52 -36.87 17.59 -1.15
CA ARG B 52 -37.15 18.62 -0.15
C ARG B 52 -36.10 19.72 -0.15
N ALA B 53 -34.89 19.39 -0.62
CA ALA B 53 -33.78 20.33 -0.68
C ALA B 53 -34.06 21.50 -1.59
N LYS B 54 -34.58 21.24 -2.79
CA LYS B 54 -34.66 22.31 -3.79
C LYS B 54 -35.80 23.30 -3.50
N GLU B 55 -36.48 23.06 -2.38
CA GLU B 55 -37.40 24.02 -1.80
C GLU B 55 -36.71 24.66 -0.61
N ARG B 56 -36.14 23.81 0.25
CA ARG B 56 -35.38 24.25 1.44
C ARG B 56 -33.95 23.65 1.46
N PRO B 57 -32.96 24.39 0.87
CA PRO B 57 -31.53 23.96 0.84
C PRO B 57 -31.26 23.45 2.28
N LEU B 58 -30.64 22.28 2.47
CA LEU B 58 -29.27 22.11 2.90
C LEU B 58 -28.06 21.60 2.12
N ARG B 59 -26.97 21.47 2.88
CA ARG B 59 -25.68 20.91 2.46
C ARG B 59 -25.20 19.87 3.47
N ILE B 60 -24.71 18.76 2.96
CA ILE B 60 -24.22 17.67 3.81
C ILE B 60 -22.86 17.18 3.28
N SER B 61 -22.19 16.41 4.14
CA SER B 61 -21.07 15.58 3.71
C SER B 61 -21.59 14.13 3.69
N LEU B 62 -21.58 13.52 2.50
CA LEU B 62 -22.10 12.16 2.34
C LEU B 62 -21.01 11.10 2.18
N THR B 64 -20.54 6.83 1.83
CA THR B 64 -21.26 5.62 1.44
C THR B 64 -20.31 4.42 1.66
N GLY B 65 -20.75 3.23 1.25
CA GLY B 65 -19.86 2.10 1.06
C GLY B 65 -19.04 2.36 -0.20
N ALA B 66 -19.73 2.46 -1.35
CA ALA B 66 -19.08 2.86 -2.57
C ALA B 66 -20.14 3.57 -3.41
N SER B 67 -20.24 3.25 -4.70
CA SER B 67 -21.15 3.98 -5.59
C SER B 67 -22.63 3.61 -5.40
N LEU B 68 -23.51 4.51 -5.83
CA LEU B 68 -24.95 4.42 -5.70
C LEU B 68 -25.57 4.32 -7.09
N GLY B 69 -26.63 3.53 -7.20
CA GLY B 69 -27.46 3.49 -8.40
C GLY B 69 -28.69 4.38 -8.19
N ASN B 70 -29.74 4.12 -8.96
CA ASN B 70 -30.98 4.90 -8.89
C ASN B 70 -30.82 6.41 -9.07
N ASP B 71 -29.76 6.82 -9.80
CA ASP B 71 -29.43 8.21 -10.03
C ASP B 71 -29.44 9.03 -8.75
N LEU B 72 -29.14 8.40 -7.61
CA LEU B 72 -29.17 9.08 -6.33
C LEU B 72 -28.09 10.16 -6.21
N ASP B 73 -26.86 9.86 -6.61
CA ASP B 73 -25.85 10.91 -6.62
C ASP B 73 -26.25 12.06 -7.54
N LYS B 74 -26.80 11.76 -8.70
CA LYS B 74 -27.29 12.78 -9.61
C LYS B 74 -28.36 13.66 -8.95
N GLN B 75 -29.33 13.04 -8.28
CA GLN B 75 -30.44 13.82 -7.71
C GLN B 75 -29.93 14.74 -6.59
N LEU B 76 -29.12 14.18 -5.70
CA LEU B 76 -28.58 14.94 -4.58
C LEU B 76 -27.69 16.06 -5.10
N THR B 77 -26.91 15.79 -6.15
CA THR B 77 -26.02 16.81 -6.76
C THR B 77 -26.88 17.95 -7.33
N GLU B 78 -27.91 17.60 -8.10
CA GLU B 78 -28.78 18.59 -8.73
C GLU B 78 -29.56 19.45 -7.75
N ALA B 79 -29.96 18.85 -6.62
CA ALA B 79 -30.62 19.57 -5.51
C ALA B 79 -29.68 20.44 -4.66
N GLY B 80 -28.39 20.36 -4.97
CA GLY B 80 -27.40 21.18 -4.30
C GLY B 80 -27.11 20.69 -2.89
N VAL B 81 -27.42 19.42 -2.63
CA VAL B 81 -27.25 18.80 -1.30
C VAL B 81 -25.78 18.41 -0.93
N LEU B 82 -24.94 18.11 -1.92
CA LEU B 82 -23.60 17.56 -1.63
C LEU B 82 -22.51 18.64 -1.56
N ALA B 83 -22.04 18.90 -0.34
CA ALA B 83 -20.87 19.75 -0.15
C ALA B 83 -19.63 18.86 -0.28
N ARG B 84 -19.73 17.66 0.30
CA ARG B 84 -18.62 16.68 0.28
C ARG B 84 -19.17 15.31 -0.01
N ARG B 85 -18.34 14.48 -0.61
CA ARG B 85 -18.73 13.13 -0.96
C ARG B 85 -17.50 12.21 -0.90
N PRO B 87 -16.64 7.55 -0.39
CA PRO B 87 -15.27 7.41 -0.95
C PRO B 87 -15.21 7.04 -2.45
N PHE B 88 -16.37 6.89 -3.08
CA PHE B 88 -16.45 6.32 -4.41
C PHE B 88 -17.84 6.62 -4.99
N GLN B 89 -17.91 6.98 -6.26
CA GLN B 89 -19.16 7.39 -6.90
C GLN B 89 -19.09 7.01 -8.39
N VAL B 90 -20.23 6.62 -8.96
CA VAL B 90 -20.34 6.30 -10.39
C VAL B 90 -21.62 6.99 -10.80
N ASP B 91 -21.47 8.18 -11.37
CA ASP B 91 -22.60 9.05 -11.65
C ASP B 91 -22.10 10.22 -12.48
N SER B 92 -22.65 10.37 -13.68
CA SER B 92 -22.03 11.30 -14.62
C SER B 92 -22.35 12.73 -14.23
N THR B 93 -23.50 12.94 -13.58
CA THR B 93 -23.82 14.27 -13.05
C THR B 93 -22.91 14.70 -11.88
N LEU B 94 -22.73 13.81 -10.91
CA LEU B 94 -21.80 14.07 -9.81
C LEU B 94 -20.38 14.24 -10.31
N ARG B 95 -19.92 13.35 -11.18
CA ARG B 95 -18.57 13.43 -11.72
C ARG B 95 -18.31 14.81 -12.33
N LYS B 96 -19.30 15.31 -13.10
CA LYS B 96 -19.19 16.63 -13.69
C LYS B 96 -19.06 17.70 -12.60
N ALA B 97 -19.86 17.59 -11.54
CA ALA B 97 -19.81 18.58 -10.43
C ALA B 97 -18.44 18.55 -9.75
N ILE B 98 -17.94 17.32 -9.51
CA ILE B 98 -16.64 17.10 -8.90
C ILE B 98 -15.55 17.72 -9.78
N ASN B 99 -15.61 17.42 -11.08
CA ASN B 99 -14.64 18.04 -11.99
C ASN B 99 -14.76 19.56 -12.16
N ALA B 100 -15.91 20.14 -11.78
CA ALA B 100 -16.07 21.59 -11.79
C ALA B 100 -15.73 22.25 -10.43
N GLY B 101 -15.25 21.46 -9.47
CA GLY B 101 -14.99 21.93 -8.10
C GLY B 101 -16.23 22.31 -7.29
N GLU B 102 -17.38 21.78 -7.69
CA GLU B 102 -18.66 22.13 -7.07
C GLU B 102 -18.99 21.24 -5.87
N VAL B 103 -18.50 20.01 -5.90
CA VAL B 103 -18.61 19.08 -4.78
C VAL B 103 -17.17 18.64 -4.45
N PHE B 105 -14.69 15.91 -3.34
CA PHE B 105 -14.66 14.47 -3.39
C PHE B 105 -13.37 13.97 -2.80
N ILE B 106 -13.48 13.00 -1.92
CA ILE B 106 -12.31 12.32 -1.41
C ILE B 106 -12.41 10.84 -1.70
N ASP B 107 -11.60 10.34 -2.65
CA ASP B 107 -11.59 8.88 -2.87
C ASP B 107 -10.55 8.25 -1.94
N GLN B 108 -11.01 7.31 -1.15
CA GLN B 108 -10.18 6.65 -0.16
C GLN B 108 -10.04 5.21 -0.54
N HIS B 109 -8.94 4.58 -0.10
CA HIS B 109 -8.86 3.14 -0.19
C HIS B 109 -10.08 2.63 0.54
N LEU B 110 -10.81 1.69 -0.04
CA LEU B 110 -12.14 1.33 0.54
C LEU B 110 -12.12 0.69 1.96
N SER B 111 -11.05 -0.02 2.31
CA SER B 111 -10.89 -0.60 3.65
C SER B 111 -10.55 0.42 4.73
N GLU B 112 -10.14 1.64 4.33
CA GLU B 112 -9.50 2.56 5.27
C GLU B 112 -10.43 3.58 5.93
N THR B 113 -11.51 3.98 5.25
CA THR B 113 -12.42 5.01 5.78
C THR B 113 -12.84 4.72 7.24
N VAL B 114 -13.33 3.51 7.53
CA VAL B 114 -13.78 3.21 8.89
C VAL B 114 -12.64 3.17 9.87
N GLU B 115 -11.43 2.83 9.41
CA GLU B 115 -10.26 2.87 10.31
C GLU B 115 -9.97 4.33 10.73
N GLN B 116 -10.04 5.25 9.77
CA GLN B 116 -9.86 6.69 10.07
C GLN B 116 -10.94 7.17 11.05
N LEU B 117 -12.19 6.80 10.76
CA LEU B 117 -13.31 7.19 11.60
C LEU B 117 -13.11 6.75 13.04
N ARG B 118 -12.76 5.49 13.23
CA ARG B 118 -12.66 4.94 14.59
C ARG B 118 -11.46 5.43 15.41
N ASN B 119 -10.46 5.99 14.74
CA ASN B 119 -9.23 6.48 15.40
C ASN B 119 -9.06 8.01 15.35
N HIS B 120 -10.18 8.73 15.31
CA HIS B 120 -10.26 10.21 15.39
C HIS B 120 -9.65 10.96 14.22
N GLN B 121 -9.53 10.31 13.06
CA GLN B 121 -8.85 10.92 11.93
C GLN B 121 -9.79 11.51 10.83
N LEU B 122 -11.10 11.34 11.01
CA LEU B 122 -12.12 11.74 10.02
C LEU B 122 -13.42 11.96 10.78
N LYS B 123 -14.13 13.03 10.44
CA LYS B 123 -15.38 13.38 11.13
C LYS B 123 -16.42 12.24 11.10
N LEU B 124 -16.95 11.91 12.28
CA LEU B 124 -17.98 10.88 12.38
C LEU B 124 -19.30 11.25 11.67
N PRO B 125 -20.05 10.24 11.18
CA PRO B 125 -21.39 10.52 10.71
C PRO B 125 -22.25 10.95 11.91
N ASP B 126 -23.14 11.90 11.68
CA ASP B 126 -24.08 12.34 12.70
C ASP B 126 -25.27 11.40 12.63
N ILE B 127 -25.59 10.98 11.42
CA ILE B 127 -26.79 10.16 11.18
C ILE B 127 -26.44 9.05 10.19
N ALA B 128 -26.95 7.85 10.47
CA ALA B 128 -26.79 6.74 9.54
C ALA B 128 -28.12 6.41 8.84
N VAL B 129 -28.08 6.16 7.53
CA VAL B 129 -29.27 5.78 6.75
C VAL B 129 -28.99 4.43 6.12
N ILE B 130 -29.66 3.39 6.60
CA ILE B 130 -29.28 2.02 6.25
C ILE B 130 -30.42 1.20 5.71
N GLU B 131 -30.27 0.66 4.51
CA GLU B 131 -31.30 -0.23 3.94
C GLU B 131 -31.23 -1.61 4.58
N ALA B 132 -32.38 -2.19 4.89
CA ALA B 132 -32.43 -3.40 5.71
C ALA B 132 -33.43 -4.38 5.14
N ALA B 133 -33.15 -5.67 5.32
CA ALA B 133 -34.13 -6.70 4.96
C ALA B 133 -35.11 -6.90 6.12
N ALA B 134 -34.59 -6.70 7.33
CA ALA B 134 -35.37 -6.88 8.56
C ALA B 134 -34.65 -6.23 9.75
N ILE B 135 -35.42 -5.99 10.80
CA ILE B 135 -34.87 -5.64 12.08
C ILE B 135 -35.25 -6.80 13.00
N THR B 136 -34.24 -7.36 13.67
CA THR B 136 -34.43 -8.51 14.57
C THR B 136 -35.18 -8.20 15.89
N GLU B 137 -35.56 -9.27 16.60
CA GLU B 137 -36.09 -9.20 17.98
C GLU B 137 -35.29 -8.22 18.85
N GLN B 138 -33.98 -8.10 18.57
CA GLN B 138 -33.08 -7.29 19.39
C GLN B 138 -32.85 -5.89 18.82
N GLY B 139 -33.58 -5.54 17.77
CA GLY B 139 -33.43 -4.21 17.19
C GLY B 139 -32.15 -4.09 16.37
N HIS B 140 -31.61 -5.23 15.94
CA HIS B 140 -30.41 -5.20 15.10
C HIS B 140 -30.76 -5.26 13.62
N ILE B 141 -29.90 -4.68 12.80
CA ILE B 141 -30.20 -4.47 11.39
C ILE B 141 -29.61 -5.57 10.54
N VAL B 142 -30.48 -6.22 9.76
CA VAL B 142 -30.04 -7.15 8.75
C VAL B 142 -29.96 -6.34 7.46
N PRO B 143 -28.75 -6.20 6.92
CA PRO B 143 -28.56 -5.45 5.67
C PRO B 143 -29.14 -6.19 4.48
N THR B 144 -29.09 -5.57 3.30
CA THR B 144 -29.61 -6.27 2.15
C THR B 144 -28.47 -6.89 1.31
N THR B 145 -28.27 -6.36 0.11
CA THR B 145 -27.38 -7.01 -0.87
C THR B 145 -25.92 -6.54 -0.80
N SER B 146 -25.62 -5.69 0.18
CA SER B 146 -24.23 -5.35 0.53
C SER B 146 -24.13 -5.07 2.00
N VAL B 147 -22.91 -5.17 2.53
CA VAL B 147 -22.64 -4.63 3.85
C VAL B 147 -21.96 -3.25 3.69
N GLY B 148 -20.91 -3.18 2.85
CA GLY B 148 -20.16 -1.95 2.70
C GLY B 148 -19.65 -1.43 4.03
N ASN B 149 -19.90 -0.14 4.28
CA ASN B 149 -19.51 0.51 5.54
C ASN B 149 -20.64 0.63 6.57
N SER B 150 -21.75 -0.08 6.31
CA SER B 150 -22.99 0.15 7.03
C SER B 150 -22.95 -0.24 8.49
N ALA B 151 -22.23 -1.29 8.84
CA ALA B 151 -22.10 -1.67 10.25
C ALA B 151 -21.43 -0.53 11.00
N SER B 152 -20.32 -0.03 10.46
CA SER B 152 -19.60 1.05 11.14
C SER B 152 -20.42 2.31 11.22
N PHE B 153 -21.06 2.70 10.10
CA PHE B 153 -21.88 3.91 10.09
C PHE B 153 -22.96 3.86 11.17
N ALA B 154 -23.70 2.75 11.27
CA ALA B 154 -24.79 2.60 12.27
C ALA B 154 -24.22 2.73 13.69
N ILE B 155 -23.03 2.17 13.91
CA ILE B 155 -22.42 2.18 15.22
C ILE B 155 -21.89 3.57 15.56
N PHE B 156 -21.20 4.23 14.62
CA PHE B 156 -20.69 5.56 14.88
C PHE B 156 -21.79 6.61 15.09
N ALA B 157 -22.83 6.59 14.24
CA ALA B 157 -23.82 7.66 14.20
C ALA B 157 -24.62 7.74 15.52
N LYS B 158 -24.94 8.95 16.00
CA LYS B 158 -25.89 9.11 17.13
C LYS B 158 -27.31 8.62 16.77
N GLN B 159 -27.75 8.88 15.54
CA GLN B 159 -29.12 8.51 15.12
C GLN B 159 -29.09 7.65 13.86
N VAL B 160 -30.03 6.70 13.75
CA VAL B 160 -30.08 5.73 12.66
C VAL B 160 -31.47 5.71 12.03
N ILE B 161 -31.52 5.91 10.72
CA ILE B 161 -32.75 5.78 9.93
C ILE B 161 -32.61 4.43 9.24
N VAL B 162 -33.61 3.56 9.44
CA VAL B 162 -33.60 2.24 8.80
C VAL B 162 -34.65 2.22 7.68
N GLU B 163 -34.21 1.89 6.47
CA GLU B 163 -35.17 1.79 5.39
C GLU B 163 -35.38 0.32 5.03
N ILE B 164 -36.48 -0.28 5.48
CA ILE B 164 -36.83 -1.65 5.12
C ILE B 164 -37.31 -1.69 3.65
N ASN B 165 -36.68 -2.53 2.83
CA ASN B 165 -37.05 -2.68 1.42
C ASN B 165 -37.66 -4.08 1.16
N LEU B 166 -38.96 -4.08 0.91
CA LEU B 166 -39.75 -5.29 0.64
C LEU B 166 -39.35 -6.04 -0.64
N ALA B 167 -38.56 -5.38 -1.49
CA ALA B 167 -38.06 -6.01 -2.69
C ALA B 167 -36.89 -6.95 -2.42
N HIS B 168 -36.31 -6.88 -1.23
CA HIS B 168 -35.29 -7.83 -0.85
C HIS B 168 -35.93 -8.80 0.15
N SER B 169 -35.69 -10.10 -0.03
CA SER B 169 -36.33 -11.11 0.81
C SER B 169 -35.72 -11.18 2.18
N THR B 170 -36.52 -11.58 3.17
CA THR B 170 -36.04 -11.75 4.51
C THR B 170 -35.11 -12.98 4.62
N ASN B 171 -35.06 -13.83 3.58
CA ASN B 171 -34.12 -14.96 3.57
C ASN B 171 -32.66 -14.56 3.31
N LEU B 172 -32.42 -13.26 3.09
CA LEU B 172 -31.06 -12.70 3.07
C LEU B 172 -30.40 -12.81 4.44
N GLU B 173 -31.19 -12.75 5.52
CA GLU B 173 -30.64 -12.93 6.89
C GLU B 173 -29.85 -14.24 6.96
N GLY B 174 -28.60 -14.19 7.44
CA GLY B 174 -27.72 -15.36 7.46
C GLY B 174 -26.57 -15.19 6.47
N LEU B 175 -26.78 -14.35 5.46
CA LEU B 175 -25.79 -14.08 4.45
C LEU B 175 -24.60 -13.25 4.98
N HIS B 176 -24.85 -12.40 5.98
CA HIS B 176 -23.85 -11.41 6.40
C HIS B 176 -23.03 -11.86 7.60
N ASP B 177 -21.76 -11.45 7.64
CA ASP B 177 -20.90 -11.71 8.79
C ASP B 177 -20.33 -10.34 9.20
N ILE B 178 -20.98 -9.71 10.18
CA ILE B 178 -20.69 -8.35 10.55
C ILE B 178 -19.63 -8.43 11.62
N TYR B 179 -18.43 -7.98 11.27
CA TYR B 179 -17.29 -8.02 12.20
C TYR B 179 -16.64 -6.63 12.28
N ILE B 180 -16.50 -6.14 13.49
CA ILE B 180 -15.80 -4.91 13.79
C ILE B 180 -14.53 -5.29 14.55
N PRO B 181 -13.38 -4.79 14.12
CA PRO B 181 -12.12 -5.06 14.79
C PRO B 181 -12.05 -4.57 16.25
N THR B 182 -11.27 -5.26 17.06
CA THR B 182 -11.05 -4.83 18.44
C THR B 182 -10.23 -3.53 18.34
N TYR B 183 -10.35 -2.66 19.32
CA TYR B 183 -9.78 -1.35 19.24
C TYR B 183 -8.37 -1.27 19.77
N ARG B 184 -7.60 -0.37 19.18
CA ARG B 184 -6.29 -0.01 19.70
C ARG B 184 -6.47 0.65 21.07
N PRO B 185 -5.43 0.62 21.94
CA PRO B 185 -4.09 0.05 21.70
C PRO B 185 -3.94 -1.42 22.06
N THR B 186 -5.05 -2.08 22.33
CA THR B 186 -5.07 -3.49 22.66
C THR B 186 -5.66 -4.37 21.53
N ARG B 187 -5.46 -3.97 20.28
CA ARG B 187 -6.08 -4.71 19.17
C ARG B 187 -5.49 -6.11 18.96
N THR B 188 -6.38 -7.09 18.82
CA THR B 188 -5.98 -8.48 18.51
C THR B 188 -6.18 -8.77 17.01
N PRO B 189 -5.64 -9.91 16.51
CA PRO B 189 -5.79 -10.18 15.05
C PRO B 189 -7.22 -10.33 14.54
N ILE B 190 -7.38 -10.12 13.26
CA ILE B 190 -8.65 -10.43 12.64
C ILE B 190 -8.67 -11.97 12.48
N PRO B 191 -9.54 -12.69 13.23
CA PRO B 191 -9.35 -14.14 13.26
C PRO B 191 -9.94 -14.86 12.04
N LEU B 192 -9.57 -14.41 10.84
CA LEU B 192 -10.11 -14.99 9.60
C LEU B 192 -8.93 -15.64 8.90
N THR B 193 -8.98 -16.97 8.75
CA THR B 193 -7.87 -17.68 8.07
C THR B 193 -8.32 -18.51 6.85
N ARG B 194 -9.63 -18.66 6.69
CA ARG B 194 -10.23 -19.32 5.52
C ARG B 194 -11.38 -18.50 4.94
N VAL B 195 -11.63 -18.65 3.64
CA VAL B 195 -12.52 -17.72 2.91
C VAL B 195 -13.93 -17.73 3.42
N ASP B 196 -14.37 -18.88 3.96
CA ASP B 196 -15.70 -18.99 4.53
C ASP B 196 -15.84 -18.85 6.04
N ASP B 197 -14.81 -18.35 6.74
CA ASP B 197 -14.89 -18.24 8.21
C ASP B 197 -16.03 -17.30 8.63
N ARG B 198 -16.77 -17.67 9.66
CA ARG B 198 -17.77 -16.79 10.28
C ARG B 198 -17.13 -16.20 11.55
N ILE B 199 -16.86 -14.90 11.53
CA ILE B 199 -16.21 -14.25 12.66
C ILE B 199 -17.09 -13.23 13.39
N GLY B 200 -18.27 -12.97 12.88
CA GLY B 200 -19.12 -11.95 13.48
C GLY B 200 -20.56 -12.39 13.59
N SER B 201 -21.46 -11.43 13.38
CA SER B 201 -22.89 -11.63 13.56
C SER B 201 -23.64 -11.50 12.22
N THR B 202 -24.88 -11.98 12.22
CA THR B 202 -25.69 -11.92 11.02
C THR B 202 -26.45 -10.60 10.92
N ALA B 203 -26.45 -9.82 11.98
CA ALA B 203 -27.08 -8.50 11.95
C ALA B 203 -26.13 -7.48 12.51
N ILE B 204 -26.38 -6.20 12.23
CA ILE B 204 -25.54 -5.09 12.73
C ILE B 204 -25.99 -4.78 14.18
N PRO B 205 -25.09 -4.95 15.16
CA PRO B 205 -25.49 -4.72 16.54
C PRO B 205 -25.46 -3.24 16.94
N ILE B 206 -26.65 -2.67 17.17
CA ILE B 206 -26.77 -1.34 17.78
C ILE B 206 -27.83 -1.44 18.89
N PRO B 207 -27.80 -0.49 19.86
CA PRO B 207 -28.96 -0.42 20.75
C PRO B 207 -30.14 0.17 19.96
N PRO B 208 -31.31 -0.50 20.02
CA PRO B 208 -32.45 -0.10 19.18
C PRO B 208 -32.89 1.33 19.44
N GLU B 209 -32.53 1.85 20.61
CA GLU B 209 -32.83 3.23 21.03
C GLU B 209 -32.32 4.29 20.06
N LYS B 210 -31.25 3.96 19.32
CA LYS B 210 -30.65 4.87 18.34
C LYS B 210 -31.45 4.95 17.05
N ILE B 211 -32.28 3.94 16.79
CA ILE B 211 -33.15 3.95 15.61
C ILE B 211 -34.20 5.03 15.78
N VAL B 212 -34.19 5.96 14.85
CA VAL B 212 -34.92 7.21 14.96
C VAL B 212 -36.07 7.30 13.91
N ALA B 213 -36.03 6.42 12.92
CA ALA B 213 -37.06 6.35 11.88
C ALA B 213 -36.94 5.05 11.13
N ILE B 214 -38.09 4.48 10.80
CA ILE B 214 -38.16 3.30 9.98
C ILE B 214 -39.00 3.64 8.77
N VAL B 215 -38.42 3.43 7.60
CA VAL B 215 -39.10 3.78 6.36
C VAL B 215 -39.31 2.49 5.58
N ILE B 216 -40.54 2.28 5.10
CA ILE B 216 -40.85 1.11 4.28
C ILE B 216 -40.87 1.51 2.82
N ASN B 217 -40.09 0.78 2.03
CA ASN B 217 -39.94 1.02 0.62
C ASN B 217 -40.09 -0.33 -0.09
N ASP B 218 -40.24 -0.32 -1.41
CA ASP B 218 -40.32 -1.54 -2.21
C ASP B 218 -39.77 -1.15 -3.58
N GLN B 219 -38.49 -1.47 -3.80
CA GLN B 219 -37.79 -0.94 -4.95
C GLN B 219 -36.53 -1.75 -5.16
N PRO B 220 -36.41 -2.39 -6.34
CA PRO B 220 -35.17 -3.12 -6.62
C PRO B 220 -33.90 -2.25 -6.68
N ASP B 221 -32.73 -2.87 -6.42
CA ASP B 221 -31.44 -2.24 -6.73
C ASP B 221 -31.35 -1.96 -8.26
N SER B 222 -30.61 -0.92 -8.65
CA SER B 222 -30.28 -0.81 -10.07
C SER B 222 -29.39 -2.00 -10.41
N PRO B 223 -29.67 -2.62 -11.56
CA PRO B 223 -28.89 -3.79 -12.01
C PRO B 223 -27.46 -3.42 -12.40
N SER B 224 -26.56 -4.39 -12.31
CA SER B 224 -25.23 -4.27 -12.87
C SER B 224 -25.25 -3.89 -14.37
N THR B 225 -24.35 -2.99 -14.78
CA THR B 225 -24.25 -2.62 -16.19
C THR B 225 -23.16 -3.40 -16.95
N VAL B 226 -22.56 -4.42 -16.32
CA VAL B 226 -21.57 -5.25 -17.03
C VAL B 226 -22.12 -5.70 -18.39
N LEU B 227 -21.25 -5.68 -19.39
CA LEU B 227 -21.59 -6.06 -20.76
C LEU B 227 -21.17 -7.50 -21.05
N PRO B 228 -21.82 -8.15 -22.04
CA PRO B 228 -21.29 -9.43 -22.49
C PRO B 228 -19.83 -9.32 -23.00
N PRO B 229 -19.02 -10.39 -22.83
CA PRO B 229 -17.63 -10.37 -23.29
C PRO B 229 -17.54 -10.25 -24.80
N ASP B 230 -16.58 -9.47 -25.30
CA ASP B 230 -16.36 -9.36 -26.73
C ASP B 230 -15.04 -10.06 -27.09
N GLY B 231 -14.63 -9.97 -28.36
CA GLY B 231 -13.41 -10.62 -28.85
C GLY B 231 -12.20 -10.16 -28.04
N GLU B 232 -12.14 -8.87 -27.76
CA GLU B 232 -11.04 -8.29 -26.95
C GLU B 232 -10.98 -8.75 -25.51
N THR B 233 -12.09 -8.77 -24.78
CA THR B 233 -12.02 -9.22 -23.38
C THR B 233 -11.71 -10.70 -23.28
N GLN B 234 -12.23 -11.45 -24.26
CA GLN B 234 -11.90 -12.86 -24.43
C GLN B 234 -10.38 -13.10 -24.65
N ALA B 235 -9.77 -12.32 -25.54
CA ALA B 235 -8.34 -12.41 -25.76
C ALA B 235 -7.57 -12.05 -24.50
N ILE B 236 -8.06 -11.10 -23.71
CA ILE B 236 -7.41 -10.76 -22.44
C ILE B 236 -7.53 -11.94 -21.45
N ALA B 237 -8.76 -12.46 -21.27
CA ALA B 237 -8.97 -13.66 -20.46
C ALA B 237 -8.01 -14.80 -20.89
N ASN B 238 -7.89 -15.03 -22.20
CA ASN B 238 -7.02 -16.08 -22.74
C ASN B 238 -5.52 -15.87 -22.50
N HIS B 239 -5.03 -14.65 -22.63
CA HIS B 239 -3.64 -14.37 -22.22
C HIS B 239 -3.42 -14.71 -20.75
N LEU B 240 -4.38 -14.33 -19.91
CA LEU B 240 -4.27 -14.57 -18.48
C LEU B 240 -4.34 -16.06 -18.13
N ILE B 241 -5.30 -16.79 -18.71
CA ILE B 241 -5.35 -18.25 -18.58
C ILE B 241 -4.05 -18.95 -19.02
N ASP B 242 -3.46 -18.56 -20.16
CA ASP B 242 -2.16 -19.12 -20.60
C ASP B 242 -1.08 -18.90 -19.53
N PHE B 243 -1.04 -17.68 -18.99
CA PHE B 243 -0.10 -17.37 -17.92
C PHE B 243 -0.32 -18.28 -16.70
N PHE B 244 -1.58 -18.40 -16.24
CA PHE B 244 -1.89 -19.26 -15.08
C PHE B 244 -1.46 -20.73 -15.33
N LYS B 245 -1.68 -21.17 -16.56
CA LYS B 245 -1.26 -22.51 -17.00
C LYS B 245 0.24 -22.73 -16.93
N ARG B 246 1.02 -21.76 -17.42
CA ARG B 246 2.46 -21.78 -17.29
C ARG B 246 2.92 -21.86 -15.82
N GLU B 247 2.27 -21.11 -14.94
CA GLU B 247 2.61 -21.12 -13.52
C GLU B 247 2.34 -22.48 -12.90
N VAL B 248 1.12 -22.99 -13.11
CA VAL B 248 0.73 -24.32 -12.62
C VAL B 248 1.68 -25.39 -13.18
N ASP B 249 1.90 -25.34 -14.50
CA ASP B 249 2.81 -26.27 -15.15
C ASP B 249 4.22 -26.25 -14.55
N ALA B 250 4.67 -25.07 -14.15
CA ALA B 250 6.03 -24.91 -13.63
C ALA B 250 6.15 -25.15 -12.14
N GLY B 251 5.08 -25.62 -11.52
CA GLY B 251 5.05 -25.85 -10.06
C GLY B 251 5.02 -24.58 -9.22
N ARG B 252 4.66 -23.44 -9.82
CA ARG B 252 4.67 -22.16 -9.11
C ARG B 252 3.25 -21.74 -8.64
N SER B 254 -0.87 -23.71 -7.72
CA SER B 254 -1.78 -24.83 -7.62
C SER B 254 -2.79 -24.82 -8.77
N ASN B 255 -3.39 -25.98 -9.06
CA ASN B 255 -4.47 -25.97 -10.03
C ASN B 255 -5.75 -25.28 -9.53
N SER B 256 -5.80 -24.95 -8.25
CA SER B 256 -6.92 -24.19 -7.74
C SER B 256 -6.62 -22.68 -7.65
N LEU B 257 -5.58 -22.25 -8.37
CA LEU B 257 -5.10 -20.85 -8.35
C LEU B 257 -4.85 -20.32 -6.91
N GLY B 258 -5.42 -19.16 -6.59
CA GLY B 258 -5.41 -18.61 -5.21
C GLY B 258 -6.77 -17.95 -5.03
N PRO B 259 -7.11 -17.53 -3.80
CA PRO B 259 -8.40 -16.89 -3.63
C PRO B 259 -8.51 -15.68 -4.54
N LEU B 260 -9.58 -15.62 -5.34
CA LEU B 260 -9.71 -14.61 -6.39
C LEU B 260 -10.48 -13.36 -5.97
N GLN B 261 -9.96 -12.21 -6.39
CA GLN B 261 -10.67 -10.94 -6.29
C GLN B 261 -10.79 -10.40 -7.72
N ALA B 262 -12.00 -10.03 -8.10
CA ALA B 262 -12.26 -9.53 -9.45
C ALA B 262 -12.94 -8.17 -9.34
N GLY B 263 -12.33 -7.16 -9.93
CA GLY B 263 -12.86 -5.82 -9.88
C GLY B 263 -14.23 -5.67 -10.50
N ILE B 264 -14.89 -4.60 -10.11
CA ILE B 264 -16.16 -4.17 -10.66
C ILE B 264 -15.98 -3.88 -12.15
N GLY B 265 -16.98 -4.18 -12.97
CA GLY B 265 -16.95 -3.72 -14.37
C GLY B 265 -16.72 -4.83 -15.37
N SER B 266 -17.01 -4.55 -16.66
CA SER B 266 -17.11 -5.60 -17.69
C SER B 266 -15.84 -6.35 -18.00
N ILE B 267 -14.70 -5.69 -18.01
CA ILE B 267 -13.50 -6.47 -18.39
C ILE B 267 -13.13 -7.54 -17.34
N ALA B 268 -13.10 -7.13 -16.06
CA ALA B 268 -12.72 -8.07 -14.98
C ALA B 268 -13.74 -9.21 -14.83
N ASN B 269 -15.03 -8.85 -14.95
CA ASN B 269 -16.13 -9.85 -14.92
C ASN B 269 -15.96 -10.83 -16.08
N ALA B 270 -15.63 -10.30 -17.27
CA ALA B 270 -15.40 -11.14 -18.47
C ALA B 270 -14.18 -12.04 -18.35
N VAL B 271 -13.13 -11.56 -17.71
CA VAL B 271 -11.99 -12.43 -17.42
C VAL B 271 -12.37 -13.62 -16.52
N CYS B 273 -15.39 -15.04 -16.19
CA CYS B 273 -16.11 -15.94 -17.09
C CYS B 273 -15.15 -16.76 -17.92
N GLY B 274 -14.05 -16.15 -18.40
CA GLY B 274 -12.99 -16.90 -19.11
C GLY B 274 -12.51 -18.16 -18.40
N LEU B 275 -12.58 -18.19 -17.07
CA LEU B 275 -12.07 -19.33 -16.32
C LEU B 275 -12.97 -20.55 -16.41
N ILE B 276 -14.18 -20.37 -16.95
CA ILE B 276 -15.05 -21.54 -17.17
C ILE B 276 -14.38 -22.44 -18.21
N GLU B 277 -13.75 -21.80 -19.20
CA GLU B 277 -13.03 -22.50 -20.26
C GLU B 277 -11.54 -22.59 -19.92
N SER B 278 -11.26 -23.45 -18.93
CA SER B 278 -9.92 -23.60 -18.39
C SER B 278 -9.88 -24.89 -17.56
N PRO B 279 -8.66 -25.39 -17.26
CA PRO B 279 -8.47 -26.61 -16.48
C PRO B 279 -8.53 -26.45 -14.96
N PHE B 280 -8.75 -25.22 -14.47
CA PHE B 280 -8.63 -24.88 -13.03
C PHE B 280 -9.86 -25.30 -12.25
N GLU B 281 -9.67 -25.89 -11.07
CA GLU B 281 -10.78 -26.52 -10.36
C GLU B 281 -10.73 -26.08 -8.91
N ASN B 282 -11.84 -26.22 -8.20
CA ASN B 282 -11.97 -25.87 -6.78
C ASN B 282 -11.48 -24.48 -6.43
N LEU B 283 -11.85 -23.50 -7.27
CA LEU B 283 -11.57 -22.10 -6.97
C LEU B 283 -12.31 -21.61 -5.73
N THR B 284 -11.80 -20.54 -5.14
CA THR B 284 -12.50 -19.77 -4.13
C THR B 284 -12.31 -18.28 -4.49
N TYR B 286 -12.23 -14.37 -2.72
CA TYR B 286 -12.26 -13.49 -1.57
C TYR B 286 -12.10 -12.10 -2.14
N SER B 287 -13.25 -11.50 -2.41
CA SER B 287 -13.35 -10.37 -3.33
C SER B 287 -14.07 -9.26 -2.63
N GLU B 288 -14.20 -8.14 -3.32
CA GLU B 288 -14.95 -7.00 -2.80
C GLU B 288 -16.38 -7.03 -3.31
N VAL B 289 -16.52 -7.11 -4.64
CA VAL B 289 -17.82 -7.26 -5.24
C VAL B 289 -17.94 -8.63 -5.91
N LEU B 290 -19.18 -9.13 -5.91
CA LEU B 290 -19.56 -10.37 -6.56
C LEU B 290 -20.54 -10.00 -7.65
N GLN B 291 -20.26 -10.50 -8.86
CA GLN B 291 -20.94 -10.12 -10.08
C GLN B 291 -21.48 -11.36 -10.77
N ASP B 292 -22.13 -11.19 -11.92
CA ASP B 292 -22.65 -12.35 -12.69
C ASP B 292 -21.65 -13.51 -12.78
N SER B 293 -20.38 -13.20 -13.07
CA SER B 293 -19.31 -14.22 -13.25
C SER B 293 -19.14 -15.12 -12.02
N THR B 294 -19.37 -14.56 -10.84
CA THR B 294 -19.30 -15.37 -9.60
C THR B 294 -20.26 -16.52 -9.75
N PHE B 295 -21.48 -16.21 -10.14
CA PHE B 295 -22.53 -17.22 -10.22
C PHE B 295 -22.43 -18.15 -11.43
N ASP B 296 -21.90 -17.63 -12.53
CA ASP B 296 -21.58 -18.47 -13.67
C ASP B 296 -20.53 -19.52 -13.23
N LEU B 297 -19.53 -19.09 -12.48
CA LEU B 297 -18.42 -19.98 -12.08
C LEU B 297 -18.88 -21.04 -11.11
N ILE B 298 -19.80 -20.69 -10.22
CA ILE B 298 -20.44 -21.65 -9.33
C ILE B 298 -21.29 -22.67 -10.13
N ASP B 299 -22.11 -22.16 -11.05
CA ASP B 299 -22.97 -23.01 -11.85
C ASP B 299 -22.16 -23.96 -12.67
N ALA B 300 -21.04 -23.48 -13.23
CA ALA B 300 -20.09 -24.32 -13.97
C ALA B 300 -19.42 -25.38 -13.08
N GLY B 301 -19.61 -25.34 -11.76
CA GLY B 301 -18.92 -26.25 -10.87
C GLY B 301 -17.44 -25.94 -10.65
N LYS B 302 -17.00 -24.72 -10.98
CA LYS B 302 -15.59 -24.32 -10.85
C LYS B 302 -15.31 -23.68 -9.51
N LEU B 303 -16.28 -22.93 -9.00
CA LEU B 303 -16.10 -22.09 -7.82
C LEU B 303 -16.85 -22.69 -6.64
N ARG B 304 -16.08 -23.00 -5.59
CA ARG B 304 -16.53 -23.60 -4.33
CA ARG B 304 -16.61 -23.61 -4.38
C ARG B 304 -17.34 -22.61 -3.49
N PHE B 305 -16.80 -21.40 -3.38
CA PHE B 305 -17.20 -20.46 -2.37
C PHE B 305 -16.76 -19.06 -2.73
N ALA B 306 -17.61 -18.07 -2.43
CA ALA B 306 -17.26 -16.69 -2.62
C ALA B 306 -17.62 -15.81 -1.42
N SER B 307 -16.61 -15.05 -0.97
CA SER B 307 -16.77 -13.98 0.01
C SER B 307 -16.70 -12.64 -0.71
N GLY B 308 -17.56 -11.69 -0.32
CA GLY B 308 -17.55 -10.38 -0.91
C GLY B 308 -18.10 -9.38 0.09
N SER B 309 -18.18 -8.10 -0.30
CA SER B 309 -18.95 -7.14 0.49
C SER B 309 -20.30 -6.78 -0.16
N SER B 310 -20.43 -7.08 -1.45
CA SER B 310 -21.54 -6.58 -2.23
C SER B 310 -21.83 -7.53 -3.39
N ILE B 311 -23.12 -7.75 -3.66
CA ILE B 311 -23.56 -8.52 -4.80
C ILE B 311 -24.38 -7.62 -5.70
N THR B 312 -23.96 -7.52 -6.96
CA THR B 312 -24.61 -6.68 -7.96
C THR B 312 -24.63 -7.45 -9.28
N LEU B 313 -25.85 -7.66 -9.80
CA LEU B 313 -26.08 -8.62 -10.89
C LEU B 313 -26.88 -8.01 -12.01
N SER B 314 -26.84 -8.67 -13.17
CA SER B 314 -27.75 -8.45 -14.31
C SER B 314 -29.15 -8.81 -13.92
N PRO B 315 -30.15 -8.24 -14.63
CA PRO B 315 -31.54 -8.45 -14.20
C PRO B 315 -32.02 -9.94 -14.12
N ARG B 316 -31.73 -10.77 -15.13
CA ARG B 316 -32.14 -12.19 -15.07
C ARG B 316 -31.34 -12.97 -14.05
N ARG B 317 -30.00 -12.78 -14.04
CA ARG B 317 -29.15 -13.44 -13.05
C ARG B 317 -29.62 -13.00 -11.68
N ASN B 318 -29.95 -11.73 -11.53
CA ASN B 318 -30.46 -11.28 -10.24
C ASN B 318 -31.72 -12.05 -9.86
N ALA B 319 -32.66 -12.15 -10.81
CA ALA B 319 -33.92 -12.83 -10.55
C ALA B 319 -33.63 -14.31 -10.20
N ASP B 320 -32.66 -14.90 -10.90
CA ASP B 320 -32.34 -16.31 -10.75
C ASP B 320 -31.68 -16.62 -9.39
N VAL B 321 -30.80 -15.73 -8.95
CA VAL B 321 -30.10 -15.93 -7.71
C VAL B 321 -31.00 -15.70 -6.51
N PHE B 322 -31.65 -14.54 -6.44
CA PHE B 322 -32.40 -14.20 -5.24
C PHE B 322 -33.78 -14.81 -5.29
N GLY B 323 -34.20 -15.21 -6.51
CA GLY B 323 -35.35 -16.09 -6.68
C GLY B 323 -35.16 -17.47 -6.09
N ASN B 324 -33.91 -17.94 -6.01
CA ASN B 324 -33.59 -19.25 -5.42
C ASN B 324 -32.29 -19.23 -4.61
N LEU B 325 -32.27 -18.40 -3.57
CA LEU B 325 -31.05 -18.14 -2.80
C LEU B 325 -30.45 -19.39 -2.15
N GLU B 326 -31.31 -20.38 -1.89
CA GLU B 326 -30.90 -21.62 -1.25
C GLU B 326 -29.93 -22.44 -2.09
N ARG B 327 -30.02 -22.24 -3.40
CA ARG B 327 -29.06 -22.78 -4.33
C ARG B 327 -27.61 -22.31 -4.06
N TYR B 328 -27.47 -21.10 -3.48
CA TYR B 328 -26.18 -20.41 -3.38
C TYR B 328 -25.78 -20.01 -1.99
N LYS B 329 -26.72 -20.02 -1.06
CA LYS B 329 -26.51 -19.42 0.24
C LYS B 329 -25.32 -19.98 1.03
N ASP B 330 -25.07 -21.30 0.93
CA ASP B 330 -23.96 -21.99 1.60
CA ASP B 330 -23.94 -21.90 1.65
C ASP B 330 -22.60 -21.76 0.92
N LYS B 331 -22.63 -21.08 -0.23
CA LYS B 331 -21.42 -20.81 -1.01
C LYS B 331 -21.07 -19.32 -1.00
N LEU B 332 -21.75 -18.56 -0.17
CA LEU B 332 -21.61 -17.11 -0.17
C LEU B 332 -21.45 -16.58 1.23
N VAL B 333 -20.77 -15.46 1.36
CA VAL B 333 -20.80 -14.67 2.60
C VAL B 333 -20.52 -13.20 2.24
N LEU B 334 -21.17 -12.27 2.96
CA LEU B 334 -20.95 -10.84 2.77
C LEU B 334 -20.41 -10.22 4.03
N ARG B 335 -19.36 -9.40 3.88
CA ARG B 335 -18.59 -8.92 5.02
C ARG B 335 -18.51 -7.40 4.90
N PRO B 336 -18.23 -6.71 6.02
CA PRO B 336 -17.88 -5.29 5.85
C PRO B 336 -16.79 -5.12 4.80
N GLN B 337 -16.86 -4.04 4.05
CA GLN B 337 -15.78 -3.77 3.08
C GLN B 337 -14.40 -3.64 3.76
N GLU B 338 -14.34 -3.16 4.99
CA GLU B 338 -13.07 -3.17 5.73
C GLU B 338 -12.40 -4.56 5.75
N ILE B 339 -13.25 -5.59 5.93
CA ILE B 339 -12.84 -6.95 6.13
C ILE B 339 -12.66 -7.72 4.82
N SER B 340 -13.50 -7.45 3.80
CA SER B 340 -13.30 -8.02 2.47
C SER B 340 -11.99 -7.58 1.81
N ASN B 341 -11.54 -6.39 2.19
CA ASN B 341 -10.39 -5.69 1.58
C ASN B 341 -9.25 -5.52 2.60
N HIS B 342 -9.35 -6.06 3.81
CA HIS B 342 -8.38 -5.71 4.84
C HIS B 342 -6.96 -6.19 4.48
N PRO B 343 -5.95 -5.29 4.55
CA PRO B 343 -4.55 -5.66 4.25
C PRO B 343 -4.06 -6.93 4.97
N GLU B 344 -4.44 -7.08 6.24
CA GLU B 344 -4.08 -8.24 7.03
C GLU B 344 -4.68 -9.52 6.40
N VAL B 345 -5.92 -9.47 5.95
CA VAL B 345 -6.57 -10.63 5.32
C VAL B 345 -6.04 -10.88 3.91
N VAL B 346 -5.87 -9.81 3.13
CA VAL B 346 -5.41 -9.94 1.76
C VAL B 346 -4.05 -10.61 1.71
N ARG B 347 -3.12 -10.14 2.52
CA ARG B 347 -1.79 -10.73 2.49
C ARG B 347 -1.75 -12.15 3.08
N ARG B 348 -2.56 -12.38 4.11
CA ARG B 348 -2.63 -13.69 4.74
C ARG B 348 -3.15 -14.72 3.78
N LEU B 349 -4.23 -14.38 3.09
CA LEU B 349 -4.84 -15.30 2.12
C LEU B 349 -4.09 -15.42 0.79
N GLY B 350 -3.27 -14.43 0.41
CA GLY B 350 -2.51 -14.53 -0.83
C GLY B 350 -3.45 -14.40 -2.03
N ILE B 351 -4.19 -13.29 -2.06
CA ILE B 351 -5.20 -13.04 -3.10
C ILE B 351 -4.58 -12.87 -4.48
N ILE B 352 -5.26 -13.41 -5.50
CA ILE B 352 -4.95 -13.08 -6.90
C ILE B 352 -6.01 -12.04 -7.29
N GLY B 353 -5.56 -10.79 -7.49
CA GLY B 353 -6.50 -9.71 -7.71
C GLY B 353 -6.46 -9.29 -9.15
N ILE B 354 -7.64 -9.09 -9.73
CA ILE B 354 -7.73 -8.73 -11.15
C ILE B 354 -8.58 -7.45 -11.24
N ASN B 355 -7.93 -6.36 -11.61
CA ASN B 355 -8.61 -5.06 -11.61
C ASN B 355 -8.31 -4.34 -12.90
N THR B 356 -9.18 -3.42 -13.27
CA THR B 356 -9.09 -2.73 -14.54
C THR B 356 -8.33 -1.41 -14.40
N ALA B 357 -7.40 -1.17 -15.33
CA ALA B 357 -6.69 0.09 -15.47
C ALA B 357 -7.41 1.04 -16.41
N LEU B 358 -7.46 2.33 -16.08
CA LEU B 358 -7.74 3.36 -17.07
C LEU B 358 -6.60 3.36 -18.08
N GLU B 359 -5.37 3.41 -17.59
CA GLU B 359 -4.16 3.38 -18.44
C GLU B 359 -3.01 2.90 -17.59
N PHE B 360 -1.96 2.42 -18.23
CA PHE B 360 -0.73 2.17 -17.49
C PHE B 360 0.50 2.60 -18.29
N ASP B 361 1.66 2.65 -17.67
CA ASP B 361 2.81 3.11 -18.42
C ASP B 361 3.89 2.03 -18.60
N ILE B 362 4.93 2.38 -19.34
CA ILE B 362 5.95 1.40 -19.71
C ILE B 362 6.78 0.98 -18.48
N TYR B 363 6.60 1.65 -17.35
CA TYR B 363 7.29 1.24 -16.12
C TYR B 363 6.41 0.51 -15.14
N GLY B 364 5.14 0.30 -15.50
CA GLY B 364 4.26 -0.57 -14.71
C GLY B 364 3.32 0.18 -13.80
N ASN B 365 3.36 1.51 -13.86
CA ASN B 365 2.42 2.32 -13.03
C ASN B 365 1.03 2.29 -13.59
N VAL B 366 0.02 2.30 -12.72
CA VAL B 366 -1.39 2.20 -13.15
C VAL B 366 -2.16 3.43 -12.66
N ASN B 367 -2.92 4.04 -13.58
CA ASN B 367 -3.95 5.03 -13.32
C ASN B 367 -5.30 4.31 -13.35
N SER B 368 -6.08 4.53 -12.30
CA SER B 368 -7.40 3.90 -12.14
C SER B 368 -8.52 4.93 -12.17
N THR B 369 -8.16 6.21 -12.19
CA THR B 369 -9.12 7.27 -11.88
C THR B 369 -9.14 8.54 -12.73
N HIS B 370 -7.99 9.06 -13.18
CA HIS B 370 -7.99 10.41 -13.75
C HIS B 370 -7.74 10.45 -15.28
N VAL B 371 -8.68 11.04 -16.02
CA VAL B 371 -8.48 11.27 -17.44
C VAL B 371 -7.60 12.52 -17.60
N GLY B 372 -6.49 12.36 -18.33
CA GLY B 372 -5.59 13.49 -18.66
C GLY B 372 -4.96 14.07 -17.40
N GLY B 373 -4.88 13.23 -16.36
CA GLY B 373 -4.28 13.58 -15.06
C GLY B 373 -5.15 14.47 -14.20
N THR B 374 -6.35 14.83 -14.70
CA THR B 374 -7.12 15.87 -14.00
C THR B 374 -8.61 15.54 -13.71
N LYS B 375 -9.20 14.74 -14.58
CA LYS B 375 -10.63 14.54 -14.54
C LYS B 375 -10.90 13.21 -13.90
N ASN B 378 -14.31 7.59 -11.25
CA ASN B 378 -15.12 7.09 -10.09
C ASN B 378 -14.39 7.04 -8.74
N GLY B 379 -13.15 6.56 -8.74
CA GLY B 379 -12.41 6.45 -7.46
C GLY B 379 -11.41 5.31 -7.53
N ILE B 380 -10.39 5.36 -6.69
CA ILE B 380 -9.45 4.23 -6.62
C ILE B 380 -10.15 2.93 -6.14
N GLY B 381 -11.23 3.06 -5.37
CA GLY B 381 -12.02 1.89 -4.97
C GLY B 381 -11.18 0.97 -4.07
N GLY B 382 -11.42 -0.34 -4.16
CA GLY B 382 -10.58 -1.30 -3.44
C GLY B 382 -9.29 -1.72 -4.18
N SER B 383 -9.03 -1.20 -5.37
CA SER B 383 -7.92 -1.74 -6.19
C SER B 383 -6.56 -1.65 -5.48
N GLY B 384 -6.43 -0.64 -4.62
CA GLY B 384 -5.18 -0.43 -3.85
C GLY B 384 -5.08 -1.36 -2.66
N ASP B 385 -6.17 -1.53 -1.93
CA ASP B 385 -6.21 -2.51 -0.87
C ASP B 385 -5.72 -3.87 -1.41
N PHE B 386 -6.23 -4.29 -2.59
CA PHE B 386 -5.85 -5.60 -3.12
C PHE B 386 -4.47 -5.64 -3.76
N ALA B 387 -4.19 -4.67 -4.66
CA ALA B 387 -2.96 -4.69 -5.43
C ALA B 387 -1.72 -4.69 -4.54
N ARG B 388 -1.73 -3.82 -3.52
CA ARG B 388 -0.60 -3.69 -2.61
C ARG B 388 -0.25 -5.03 -1.94
N ASN B 389 -1.28 -5.76 -1.52
CA ASN B 389 -1.08 -6.87 -0.58
C ASN B 389 -1.29 -8.25 -1.18
N ALA B 390 -1.69 -8.27 -2.45
CA ALA B 390 -1.96 -9.49 -3.21
C ALA B 390 -0.71 -10.34 -3.46
N HIS B 391 -0.94 -11.64 -3.58
CA HIS B 391 0.07 -12.58 -4.09
C HIS B 391 0.41 -12.23 -5.57
N LEU B 392 -0.64 -12.03 -6.38
CA LEU B 392 -0.46 -11.44 -7.71
C LEU B 392 -1.43 -10.28 -7.93
N ALA B 393 -0.88 -9.11 -8.24
CA ALA B 393 -1.64 -7.92 -8.58
C ALA B 393 -1.69 -7.80 -10.12
N ILE B 394 -2.85 -8.11 -10.71
CA ILE B 394 -3.03 -8.17 -12.15
C ILE B 394 -3.92 -7.02 -12.58
N PHE B 395 -3.48 -6.27 -13.60
CA PHE B 395 -4.29 -5.16 -14.14
C PHE B 395 -4.56 -5.37 -15.60
N VAL B 396 -5.79 -5.10 -16.01
CA VAL B 396 -6.21 -5.38 -17.35
C VAL B 396 -6.86 -4.14 -17.95
N THR B 397 -6.84 -4.05 -19.27
CA THR B 397 -7.46 -2.99 -20.04
C THR B 397 -7.30 -3.38 -21.51
N LYS B 398 -8.23 -2.93 -22.34
CA LYS B 398 -8.00 -2.96 -23.78
C LYS B 398 -6.87 -1.95 -24.08
N SER B 399 -6.07 -2.24 -25.13
CA SER B 399 -4.82 -1.49 -25.35
C SER B 399 -5.05 -0.09 -25.89
N ILE B 400 -6.21 0.11 -26.50
CA ILE B 400 -6.55 1.40 -27.11
C ILE B 400 -7.99 1.77 -26.79
N ALA B 401 -8.35 3.02 -27.07
CA ALA B 401 -9.71 3.53 -26.93
C ALA B 401 -10.01 4.56 -28.01
N LYS B 402 -11.29 4.95 -28.15
CA LYS B 402 -11.69 6.01 -29.08
C LYS B 402 -11.16 5.79 -30.49
N GLY B 403 -11.38 4.58 -31.00
CA GLY B 403 -11.03 4.21 -32.36
C GLY B 403 -9.56 4.26 -32.71
N GLY B 404 -8.70 4.11 -31.71
CA GLY B 404 -7.26 4.27 -31.88
C GLY B 404 -6.69 5.64 -31.50
N ASN B 405 -7.55 6.62 -31.18
CA ASN B 405 -7.05 7.96 -30.86
C ASN B 405 -6.37 8.00 -29.48
N ILE B 406 -6.65 6.98 -28.66
CA ILE B 406 -6.10 6.89 -27.32
C ILE B 406 -5.41 5.53 -27.18
N SER B 407 -4.18 5.54 -26.70
CA SER B 407 -3.52 4.34 -26.20
C SER B 407 -3.70 4.21 -24.69
N SER B 408 -4.09 3.03 -24.22
CA SER B 408 -4.10 2.73 -22.79
C SER B 408 -2.70 2.44 -22.24
N VAL B 409 -1.71 2.35 -23.12
CA VAL B 409 -0.33 2.16 -22.64
C VAL B 409 0.42 3.42 -23.09
N VAL B 410 1.00 4.12 -22.11
CA VAL B 410 1.56 5.44 -22.37
C VAL B 410 3.01 5.55 -21.84
N PRO B 411 3.77 6.57 -22.28
CA PRO B 411 5.13 6.80 -21.75
C PRO B 411 5.13 6.94 -20.23
N VAL B 413 2.04 7.59 -16.98
CA VAL B 413 0.64 7.85 -16.62
C VAL B 413 0.41 9.29 -16.18
N SER B 414 -0.75 9.83 -16.54
CA SER B 414 -1.07 11.19 -16.19
C SER B 414 -1.39 11.31 -14.70
N HIS B 415 -1.58 10.17 -14.05
CA HIS B 415 -1.98 10.09 -12.65
C HIS B 415 -1.73 8.68 -12.11
N VAL B 416 -0.91 8.57 -11.07
CA VAL B 416 -0.60 7.29 -10.44
C VAL B 416 -1.61 6.98 -9.34
N ASP B 417 -2.28 5.82 -9.47
CA ASP B 417 -3.04 5.27 -8.39
C ASP B 417 -2.27 4.08 -7.83
N HIS B 418 -1.55 3.35 -8.68
CA HIS B 418 -0.74 2.20 -8.20
C HIS B 418 0.65 2.35 -8.73
N THR B 419 1.64 2.48 -7.84
CA THR B 419 3.02 2.51 -8.32
C THR B 419 3.40 1.14 -8.84
N GLU B 420 4.49 1.11 -9.60
CA GLU B 420 4.99 -0.13 -10.15
C GLU B 420 5.37 -1.18 -9.07
N HIS B 421 5.61 -0.73 -7.85
CA HIS B 421 5.77 -1.63 -6.71
C HIS B 421 4.55 -2.49 -6.41
N ASP B 422 3.35 -2.06 -6.84
CA ASP B 422 2.11 -2.83 -6.55
C ASP B 422 1.48 -3.52 -7.76
N VAL B 423 2.29 -3.71 -8.80
CA VAL B 423 1.76 -4.21 -10.08
C VAL B 423 2.66 -5.37 -10.53
N ASP B 424 2.08 -6.57 -10.65
CA ASP B 424 2.87 -7.72 -11.02
C ASP B 424 2.70 -8.08 -12.49
N ILE B 425 1.48 -7.95 -12.98
CA ILE B 425 1.09 -8.54 -14.26
C ILE B 425 0.17 -7.54 -14.93
N LEU B 426 0.46 -7.28 -16.21
CA LEU B 426 -0.35 -6.36 -17.04
C LEU B 426 -0.84 -7.08 -18.26
N VAL B 427 -2.12 -6.90 -18.58
CA VAL B 427 -2.69 -7.65 -19.70
C VAL B 427 -3.58 -6.76 -20.57
N THR B 428 -3.40 -6.85 -21.89
CA THR B 428 -4.33 -6.24 -22.84
C THR B 428 -4.73 -7.33 -23.87
N GLU B 429 -5.58 -7.00 -24.85
CA GLU B 429 -5.90 -8.01 -25.88
C GLU B 429 -4.62 -8.39 -26.69
N GLN B 430 -3.62 -7.51 -26.70
CA GLN B 430 -2.34 -7.70 -27.41
C GLN B 430 -1.45 -8.77 -26.79
N GLY B 431 -1.47 -8.85 -25.47
CA GLY B 431 -0.67 -9.84 -24.76
C GLY B 431 -0.50 -9.46 -23.30
N LEU B 432 0.42 -10.16 -22.63
CA LEU B 432 0.61 -10.06 -21.20
C LEU B 432 2.09 -9.77 -20.86
N ALA B 433 2.31 -8.84 -19.90
CA ALA B 433 3.59 -8.50 -19.39
C ALA B 433 3.71 -9.01 -17.94
N ASP B 434 4.63 -9.92 -17.73
CA ASP B 434 5.02 -10.44 -16.44
C ASP B 434 6.19 -9.58 -15.95
N LEU B 435 5.92 -8.73 -14.96
CA LEU B 435 6.89 -7.74 -14.46
C LEU B 435 7.70 -8.23 -13.26
N ARG B 436 7.43 -9.45 -12.81
CA ARG B 436 7.94 -9.95 -11.51
C ARG B 436 9.47 -9.96 -11.54
N GLY B 437 10.09 -9.36 -10.52
CA GLY B 437 11.54 -9.28 -10.38
C GLY B 437 12.30 -8.46 -11.44
N LEU B 438 11.56 -7.68 -12.25
CA LEU B 438 12.17 -6.89 -13.33
C LEU B 438 12.46 -5.45 -12.92
N ALA B 439 13.59 -4.94 -13.40
CA ALA B 439 14.00 -3.56 -13.18
C ALA B 439 13.19 -2.72 -14.17
N PRO B 440 13.13 -1.39 -13.98
CA PRO B 440 12.29 -0.55 -14.84
C PRO B 440 12.58 -0.71 -16.34
N ARG B 441 13.86 -0.70 -16.74
CA ARG B 441 14.17 -0.80 -18.17
C ARG B 441 13.74 -2.15 -18.75
N GLU B 442 13.81 -3.21 -17.93
CA GLU B 442 13.32 -4.53 -18.35
C GLU B 442 11.79 -4.55 -18.46
N ARG B 443 11.11 -3.89 -17.51
CA ARG B 443 9.65 -3.78 -17.57
CA ARG B 443 9.65 -3.76 -17.55
C ARG B 443 9.19 -3.11 -18.87
N ALA B 444 9.86 -2.02 -19.23
CA ALA B 444 9.53 -1.26 -20.44
C ALA B 444 9.61 -2.14 -21.69
N ARG B 445 10.66 -2.93 -21.83
CA ARG B 445 10.80 -3.78 -23.03
C ARG B 445 9.69 -4.83 -23.13
N VAL B 446 9.42 -5.50 -22.03
CA VAL B 446 8.37 -6.51 -21.92
C VAL B 446 6.96 -5.91 -22.16
N ILE B 447 6.67 -4.76 -21.56
CA ILE B 447 5.36 -4.11 -21.77
C ILE B 447 5.19 -3.64 -23.24
N ILE B 448 6.21 -3.01 -23.81
CA ILE B 448 6.13 -2.60 -25.23
C ILE B 448 5.96 -3.80 -26.19
N GLU B 449 6.69 -4.86 -25.95
CA GLU B 449 6.61 -6.05 -26.77
C GLU B 449 5.24 -6.74 -26.68
N ASN B 450 4.65 -6.79 -25.48
CA ASN B 450 3.51 -7.63 -25.22
C ASN B 450 2.15 -6.93 -25.18
N CYS B 451 2.09 -5.72 -24.63
CA CYS B 451 0.79 -5.09 -24.32
C CYS B 451 0.29 -4.01 -25.26
N VAL B 452 1.22 -3.39 -25.97
CA VAL B 452 0.94 -2.17 -26.69
C VAL B 452 0.41 -2.51 -28.08
N HIS B 453 -0.55 -1.71 -28.53
CA HIS B 453 -1.15 -1.85 -29.84
C HIS B 453 -0.14 -1.58 -30.95
N PRO B 454 -0.17 -2.41 -32.04
CA PRO B 454 0.78 -2.24 -33.15
C PRO B 454 0.98 -0.79 -33.55
N SER B 455 -0.09 0.02 -33.50
CA SER B 455 0.06 1.39 -33.97
C SER B 455 0.71 2.35 -32.94
N TYR B 456 0.90 1.90 -31.70
CA TYR B 456 1.60 2.68 -30.68
C TYR B 456 2.97 2.11 -30.35
N GLN B 457 3.23 0.88 -30.78
CA GLN B 457 4.47 0.18 -30.41
C GLN B 457 5.77 0.93 -30.74
N ALA B 458 5.86 1.47 -31.96
CA ALA B 458 7.09 2.14 -32.39
C ALA B 458 7.27 3.52 -31.77
N PRO B 459 6.21 4.36 -31.71
CA PRO B 459 6.33 5.64 -30.99
C PRO B 459 6.78 5.46 -29.52
N LEU B 460 6.28 4.41 -28.86
CA LEU B 460 6.60 4.14 -27.48
C LEU B 460 8.02 3.59 -27.33
N LEU B 461 8.37 2.67 -28.20
CA LEU B 461 9.76 2.22 -28.27
C LEU B 461 10.70 3.41 -28.56
N ASP B 462 10.35 4.27 -29.51
CA ASP B 462 11.18 5.47 -29.79
C ASP B 462 11.36 6.31 -28.51
N TYR B 463 10.25 6.58 -27.81
CA TYR B 463 10.32 7.31 -26.53
C TYR B 463 11.29 6.61 -25.57
N PHE B 464 11.16 5.30 -25.44
CA PHE B 464 11.95 4.57 -24.46
C PHE B 464 13.43 4.65 -24.84
N GLU B 465 13.73 4.30 -26.08
CA GLU B 465 15.11 4.30 -26.55
C GLU B 465 15.78 5.71 -26.44
N ALA B 466 15.07 6.76 -26.84
CA ALA B 466 15.52 8.13 -26.65
C ALA B 466 15.68 8.51 -25.16
N ALA B 467 14.74 8.09 -24.31
CA ALA B 467 14.85 8.36 -22.85
C ALA B 467 16.09 7.68 -22.23
N CYS B 468 16.37 6.44 -22.64
CA CYS B 468 17.59 5.71 -22.19
C CYS B 468 18.94 6.44 -22.46
N ALA B 469 19.02 7.12 -23.59
CA ALA B 469 20.18 7.96 -23.91
C ALA B 469 20.43 9.09 -22.89
N LYS B 470 19.39 9.56 -22.21
CA LYS B 470 19.59 10.54 -21.15
C LYS B 470 19.82 9.83 -19.84
N GLY B 471 19.79 8.52 -19.84
CA GLY B 471 20.16 7.74 -18.65
C GLY B 471 19.09 7.61 -17.60
N GLY B 472 19.44 6.93 -16.50
CA GLY B 472 18.59 6.81 -15.31
C GLY B 472 18.09 5.40 -15.06
N HIS B 473 17.76 5.11 -13.81
CA HIS B 473 17.15 3.87 -13.41
C HIS B 473 15.78 3.75 -14.12
N THR B 474 15.08 4.90 -14.23
CA THR B 474 13.76 4.93 -14.89
C THR B 474 13.77 6.04 -15.94
N PRO B 475 14.23 5.70 -17.14
CA PRO B 475 14.45 6.77 -18.13
C PRO B 475 13.17 7.48 -18.65
N HIS B 476 13.23 8.79 -18.75
CA HIS B 476 12.11 9.58 -19.26
C HIS B 476 12.62 10.75 -20.09
N LEU B 477 11.79 11.20 -21.03
CA LEU B 477 11.98 12.53 -21.65
C LEU B 477 11.01 13.52 -20.98
N LEU B 478 11.54 14.45 -20.17
CA LEU B 478 10.68 15.39 -19.44
C LEU B 478 9.84 16.28 -20.34
N ARG B 479 10.37 16.62 -21.53
CA ARG B 479 9.63 17.35 -22.55
C ARG B 479 8.46 16.55 -23.11
N GLU B 480 8.60 15.23 -23.15
CA GLU B 480 7.69 14.37 -23.91
C GLU B 480 6.81 13.45 -23.07
N ALA B 481 7.11 13.33 -21.78
CA ALA B 481 6.47 12.32 -20.91
C ALA B 481 4.92 12.44 -20.90
N LEU B 482 4.41 13.66 -20.96
CA LEU B 482 2.97 13.90 -20.88
C LEU B 482 2.35 14.36 -22.20
N ALA B 483 3.14 14.30 -23.27
CA ALA B 483 2.77 14.89 -24.56
C ALA B 483 1.57 14.20 -25.20
N TRP B 484 1.48 12.89 -25.04
CA TRP B 484 0.31 12.16 -25.56
C TRP B 484 -1.00 12.68 -24.94
N HIS B 485 -0.98 12.96 -23.64
CA HIS B 485 -2.19 13.45 -22.97
C HIS B 485 -2.52 14.85 -23.46
N LEU B 486 -1.49 15.69 -23.62
CA LEU B 486 -1.67 17.04 -24.19
C LEU B 486 -2.19 16.99 -25.64
N ASN B 487 -1.59 16.10 -26.44
CA ASN B 487 -2.03 15.89 -27.86
C ASN B 487 -3.49 15.48 -27.95
N LEU B 488 -3.90 14.59 -27.04
CA LEU B 488 -5.27 14.08 -27.02
C LEU B 488 -6.20 15.24 -26.74
N GLU B 489 -5.88 16.00 -25.72
CA GLU B 489 -6.65 17.15 -25.31
C GLU B 489 -6.68 18.31 -26.33
N GLU B 490 -5.53 18.69 -26.87
CA GLU B 490 -5.47 19.83 -27.80
C GLU B 490 -5.97 19.47 -29.19
N ARG B 491 -5.68 18.25 -29.63
CA ARG B 491 -5.88 17.88 -31.03
C ARG B 491 -6.69 16.59 -31.25
N GLY B 492 -7.21 15.99 -30.18
CA GLY B 492 -8.17 14.88 -30.31
C GLY B 492 -7.55 13.52 -30.61
N HIS B 493 -6.23 13.50 -30.75
CA HIS B 493 -5.48 12.26 -30.96
C HIS B 493 -4.11 12.26 -30.24
N LEU B 495 -1.39 10.88 -30.91
CA LEU B 495 -0.25 10.97 -31.83
C LEU B 495 -0.20 12.24 -32.67
N ALA B 496 -1.23 13.09 -32.54
CA ALA B 496 -1.27 14.40 -33.19
C ALA B 496 -0.52 15.49 -32.38
N GLY B 497 0.76 15.70 -32.69
CA GLY B 497 1.62 16.63 -31.94
C GLY B 497 1.49 18.10 -32.33
#